data_3ABW
#
_entry.id   3ABW
#
_cell.length_a   152.090
_cell.length_b   98.790
_cell.length_c   100.140
_cell.angle_alpha   90.00
_cell.angle_beta   127.85
_cell.angle_gamma   90.00
#
_symmetry.space_group_name_H-M   'C 1 2 1'
#
loop_
_entity.id
_entity.type
_entity.pdbx_description
1 polymer Halorhodopsin
2 non-polymer RETINAL
3 non-polymer BACTERIORUBERIN
4 non-polymer "2,3-DI-O-PHYTANLY-3-SN-GLYCERO-1-PHOSPHORYL-3'-SN-GLYCEROL-1'-PHOSPHATE"
5 non-polymer 'AZIDE ION'
6 water water
#
_entity_poly.entity_id   1
_entity_poly.type   'polypeptide(L)'
_entity_poly.pdbx_seq_one_letter_code
;MTETLPPVTESAVALQAEVTQRELFEFVLNDPLLASSLYINIALAGLSILLFVFMTRGLDDPRAKLIAVSTILVPVVSIA
SYTGLASGLTISVLEMPAGHFAEGSSVMLGGEEVDGVVTMWGRYLTWALSTPMILLALGLLAGSNATKLFTAITFDIAMC
VTGLAAALTTSSHLMRWFWYAISCACFIVVLYILLVEWAQDAKAAGTADIFSTLKLLTVVMWLGYPIVWALGVEGVAVLP
VGYTSWAYSALDIVAKYIFAFLLLNYLTSNEGVVSGSILDVPSASGAPADD
;
_entity_poly.pdbx_strand_id   A,B,D
#
loop_
_chem_comp.id
_chem_comp.type
_chem_comp.name
_chem_comp.formula
22B non-polymer BACTERIORUBERIN 'C50 H76 O4'
AZI non-polymer 'AZIDE ION' 'N3 -1'
L3P non-polymer 2,3-DI-O-PHYTANLY-3-SN-GLYCERO-1-PHOSPHORYL-3'-SN-GLYCEROL-1'-PHOSPHATE 'C46 H94 O11 P2 -2'
RET non-polymer RETINAL 'C20 H28 O'
#
# COMPACT_ATOMS: atom_id res chain seq x y z
N GLU A 18 3.94 -25.39 12.64
CA GLU A 18 4.72 -24.90 11.47
C GLU A 18 5.89 -24.02 11.93
N VAL A 19 6.56 -23.38 10.98
CA VAL A 19 7.68 -22.50 11.29
C VAL A 19 7.20 -21.25 12.02
N THR A 20 7.61 -21.12 13.27
CA THR A 20 7.21 -19.98 14.08
C THR A 20 8.15 -18.79 13.97
N GLN A 21 7.61 -17.61 14.27
CA GLN A 21 8.36 -16.36 14.23
C GLN A 21 9.51 -16.45 15.23
N ARG A 22 9.25 -17.05 16.39
CA ARG A 22 10.29 -17.18 17.41
C ARG A 22 11.42 -18.07 16.89
N GLU A 23 11.07 -19.12 16.17
CA GLU A 23 12.09 -20.02 15.64
C GLU A 23 13.02 -19.28 14.69
N LEU A 24 12.47 -18.42 13.83
CA LEU A 24 13.29 -17.66 12.89
C LEU A 24 14.16 -16.66 13.64
N PHE A 25 13.56 -16.02 14.64
CA PHE A 25 14.28 -15.05 15.47
C PHE A 25 15.49 -15.74 16.10
N GLU A 26 15.28 -16.94 16.63
CA GLU A 26 16.37 -17.67 17.25
C GLU A 26 17.33 -18.18 16.19
N PHE A 27 16.81 -18.44 14.99
CA PHE A 27 17.67 -18.89 13.90
C PHE A 27 18.65 -17.77 13.58
N VAL A 28 18.13 -16.56 13.40
CA VAL A 28 18.98 -15.40 13.11
C VAL A 28 20.03 -15.33 14.20
N LEU A 29 19.58 -15.30 15.46
CA LEU A 29 20.52 -15.28 16.57
C LEU A 29 21.18 -16.65 16.47
N ASN A 30 22.33 -16.84 17.10
CA ASN A 30 23.01 -18.14 17.03
C ASN A 30 23.63 -18.35 15.65
N ASP A 31 23.44 -17.38 14.77
CA ASP A 31 24.03 -17.41 13.44
C ASP A 31 24.74 -16.07 13.29
N PRO A 32 25.96 -15.98 13.84
CA PRO A 32 26.81 -14.79 13.83
C PRO A 32 26.75 -13.93 12.56
N LEU A 33 26.96 -14.55 11.40
CA LEU A 33 26.93 -13.82 10.14
C LEU A 33 25.60 -13.14 9.90
N LEU A 34 24.55 -13.93 9.87
CA LEU A 34 23.20 -13.43 9.62
C LEU A 34 22.78 -12.39 10.65
N ALA A 35 23.00 -12.69 11.93
CA ALA A 35 22.64 -11.76 12.98
C ALA A 35 23.32 -10.41 12.83
N SER A 36 24.63 -10.42 12.62
CA SER A 36 25.37 -9.17 12.48
C SER A 36 24.89 -8.33 11.30
N SER A 37 24.61 -8.96 10.16
CA SER A 37 24.15 -8.23 8.97
C SER A 37 22.87 -7.45 9.22
N LEU A 38 22.05 -7.95 10.14
CA LEU A 38 20.77 -7.34 10.46
C LEU A 38 20.87 -6.33 11.62
N TYR A 39 21.42 -6.76 12.76
CA TYR A 39 21.53 -5.86 13.90
C TYR A 39 22.48 -4.69 13.68
N ILE A 40 23.53 -4.88 12.90
CA ILE A 40 24.43 -3.76 12.64
C ILE A 40 23.67 -2.63 11.94
N ASN A 41 22.79 -2.97 11.00
CA ASN A 41 22.05 -1.92 10.31
C ASN A 41 20.90 -1.28 11.10
N ILE A 42 20.34 -2.00 12.08
CA ILE A 42 19.32 -1.37 12.91
C ILE A 42 20.06 -0.21 13.59
N ALA A 43 21.29 -0.48 14.04
CA ALA A 43 22.09 0.54 14.72
C ALA A 43 22.52 1.68 13.79
N LEU A 44 23.10 1.33 12.65
CA LEU A 44 23.54 2.34 11.70
C LEU A 44 22.40 3.21 11.18
N ALA A 45 21.24 2.62 10.92
CA ALA A 45 20.10 3.41 10.44
C ALA A 45 19.68 4.38 11.55
N GLY A 46 19.66 3.89 12.78
CA GLY A 46 19.28 4.73 13.90
C GLY A 46 20.22 5.92 14.06
N LEU A 47 21.53 5.64 14.06
CA LEU A 47 22.53 6.70 14.19
C LEU A 47 22.43 7.64 13.00
N SER A 48 22.15 7.12 11.81
CA SER A 48 22.02 7.98 10.63
C SER A 48 20.88 8.98 10.80
N ILE A 49 19.72 8.51 11.25
CA ILE A 49 18.58 9.38 11.47
C ILE A 49 18.95 10.54 12.40
N LEU A 50 19.56 10.19 13.53
CA LEU A 50 19.96 11.21 14.50
C LEU A 50 20.93 12.23 13.90
N LEU A 51 21.94 11.73 13.19
CA LEU A 51 22.93 12.59 12.53
C LEU A 51 22.31 13.51 11.49
N PHE A 52 21.40 12.97 10.69
CA PHE A 52 20.77 13.76 9.63
C PHE A 52 19.83 14.82 10.18
N VAL A 53 19.15 14.50 11.28
CA VAL A 53 18.24 15.45 11.89
C VAL A 53 19.08 16.62 12.41
N PHE A 54 20.19 16.30 13.08
CA PHE A 54 21.09 17.32 13.61
C PHE A 54 21.68 18.17 12.48
N MET A 55 22.11 17.52 11.40
CA MET A 55 22.71 18.21 10.26
C MET A 55 21.80 19.22 9.56
N THR A 56 20.52 18.89 9.45
CA THR A 56 19.57 19.74 8.76
C THR A 56 18.81 20.76 9.62
N ARG A 57 19.26 20.94 10.86
CA ARG A 57 18.63 21.89 11.77
C ARG A 57 18.49 23.32 11.25
N GLY A 58 19.49 23.78 10.50
CA GLY A 58 19.48 25.14 9.99
C GLY A 58 18.63 25.45 8.77
N LEU A 59 18.11 24.44 8.10
CA LEU A 59 17.28 24.63 6.90
C LEU A 59 15.99 25.40 7.18
N ASP A 60 15.64 26.30 6.26
CA ASP A 60 14.43 27.10 6.39
C ASP A 60 13.54 27.09 5.14
N ASP A 61 14.15 26.93 3.97
CA ASP A 61 13.38 26.91 2.73
C ASP A 61 12.56 25.63 2.61
N PRO A 62 11.26 25.77 2.29
CA PRO A 62 10.39 24.59 2.15
C PRO A 62 10.87 23.56 1.12
N ARG A 63 11.46 24.00 0.01
CA ARG A 63 11.92 23.04 -1.00
C ARG A 63 13.17 22.34 -0.51
N ALA A 64 14.04 23.06 0.19
CA ALA A 64 15.26 22.48 0.72
C ALA A 64 14.85 21.46 1.79
N LYS A 65 13.86 21.83 2.60
CA LYS A 65 13.39 20.93 3.66
C LYS A 65 12.66 19.71 3.10
N LEU A 66 12.03 19.85 1.93
CA LEU A 66 11.33 18.70 1.32
C LEU A 66 12.39 17.67 0.95
N ILE A 67 13.51 18.15 0.40
CA ILE A 67 14.62 17.28 0.01
C ILE A 67 15.22 16.59 1.23
N ALA A 68 15.37 17.33 2.31
CA ALA A 68 15.93 16.78 3.54
C ALA A 68 15.02 15.71 4.15
N VAL A 69 13.72 16.00 4.24
CA VAL A 69 12.79 15.05 4.83
C VAL A 69 12.68 13.77 4.00
N SER A 70 12.69 13.92 2.68
CA SER A 70 12.62 12.75 1.80
C SER A 70 13.86 11.87 2.03
N THR A 71 15.02 12.50 2.20
CA THR A 71 16.26 11.79 2.44
C THR A 71 16.25 11.08 3.80
N ILE A 72 15.82 11.81 4.83
CA ILE A 72 15.75 11.26 6.17
C ILE A 72 14.80 10.05 6.27
N LEU A 73 13.74 10.05 5.46
CA LEU A 73 12.81 8.93 5.48
C LEU A 73 13.49 7.62 5.02
N VAL A 74 14.59 7.75 4.29
CA VAL A 74 15.30 6.54 3.83
C VAL A 74 15.75 5.72 5.04
N PRO A 75 16.53 6.32 5.97
CA PRO A 75 16.93 5.48 7.11
C PRO A 75 15.77 5.14 8.06
N VAL A 76 14.71 5.94 8.05
CA VAL A 76 13.54 5.67 8.89
C VAL A 76 12.91 4.36 8.41
N VAL A 77 12.69 4.24 7.11
CA VAL A 77 12.11 3.02 6.56
C VAL A 77 13.09 1.87 6.80
N SER A 78 14.38 2.16 6.64
CA SER A 78 15.40 1.12 6.82
C SER A 78 15.47 0.56 8.25
N ILE A 79 15.43 1.41 9.26
CA ILE A 79 15.49 0.89 10.63
C ILE A 79 14.29 -0.02 10.85
N ALA A 80 13.12 0.37 10.35
CA ALA A 80 11.93 -0.44 10.48
C ALA A 80 12.08 -1.78 9.72
N SER A 81 12.71 -1.71 8.54
CA SER A 81 12.91 -2.91 7.74
C SER A 81 13.76 -3.94 8.47
N TYR A 82 14.93 -3.51 8.93
CA TYR A 82 15.84 -4.41 9.63
C TYR A 82 15.25 -4.98 10.93
N THR A 83 14.38 -4.22 11.59
CA THR A 83 13.75 -4.71 12.81
C THR A 83 12.76 -5.82 12.43
N GLY A 84 12.13 -5.66 11.26
CA GLY A 84 11.19 -6.66 10.77
C GLY A 84 11.89 -7.96 10.41
N LEU A 85 13.11 -7.84 9.89
CA LEU A 85 13.90 -9.01 9.53
C LEU A 85 14.47 -9.68 10.79
N ALA A 86 15.13 -8.90 11.63
CA ALA A 86 15.73 -9.42 12.85
C ALA A 86 14.72 -10.05 13.80
N SER A 87 13.52 -9.49 13.84
CA SER A 87 12.48 -10.03 14.71
C SER A 87 11.88 -11.29 14.11
N GLY A 88 12.12 -11.51 12.82
CA GLY A 88 11.58 -12.70 12.17
C GLY A 88 10.22 -12.43 11.57
N LEU A 89 9.68 -11.25 11.84
CA LEU A 89 8.37 -10.84 11.34
C LEU A 89 8.29 -10.92 9.81
N THR A 90 9.33 -10.45 9.14
CA THR A 90 9.33 -10.43 7.68
C THR A 90 10.26 -11.44 7.00
N ILE A 91 10.39 -12.62 7.61
CA ILE A 91 11.20 -13.71 7.07
C ILE A 91 10.32 -14.95 7.03
N SER A 92 10.54 -15.80 6.02
CA SER A 92 9.78 -17.03 5.88
C SER A 92 10.67 -18.13 5.30
N VAL A 93 10.26 -19.38 5.47
CA VAL A 93 11.01 -20.51 4.92
C VAL A 93 10.18 -21.02 3.76
N LEU A 94 10.70 -20.88 2.56
CA LEU A 94 9.99 -21.32 1.36
C LEU A 94 10.73 -22.43 0.68
N GLU A 95 9.98 -23.36 0.10
CA GLU A 95 10.57 -24.48 -0.62
C GLU A 95 10.65 -24.07 -2.09
N MET A 96 11.85 -24.13 -2.66
CA MET A 96 12.04 -23.74 -4.05
C MET A 96 11.50 -24.80 -5.00
N PRO A 97 11.03 -24.37 -6.18
CA PRO A 97 10.47 -25.32 -7.16
C PRO A 97 11.53 -26.21 -7.80
N ALA A 98 11.06 -27.22 -8.53
CA ALA A 98 11.94 -28.17 -9.20
C ALA A 98 12.82 -27.47 -10.23
N GLY A 99 14.09 -27.86 -10.26
CA GLY A 99 15.01 -27.24 -11.21
C GLY A 99 15.76 -26.07 -10.60
N HIS A 100 15.26 -25.56 -9.48
CA HIS A 100 15.91 -24.45 -8.81
C HIS A 100 17.17 -24.99 -8.14
N PHE A 101 18.28 -24.26 -8.27
CA PHE A 101 19.54 -24.71 -7.68
C PHE A 101 19.49 -24.90 -6.16
N ALA A 102 18.44 -24.42 -5.52
CA ALA A 102 18.33 -24.56 -4.07
C ALA A 102 17.22 -25.52 -3.68
N GLU A 103 16.63 -26.20 -4.67
CA GLU A 103 15.56 -27.13 -4.35
C GLU A 103 16.14 -28.28 -3.54
N GLY A 104 15.39 -28.77 -2.57
CA GLY A 104 15.89 -29.85 -1.75
C GLY A 104 16.83 -29.40 -0.64
N SER A 105 16.80 -28.10 -0.33
CA SER A 105 17.67 -27.56 0.71
C SER A 105 16.97 -27.63 2.07
N SER A 106 17.76 -27.64 3.13
CA SER A 106 17.25 -27.69 4.50
C SER A 106 17.84 -26.53 5.26
N VAL A 107 17.12 -26.05 6.28
CA VAL A 107 17.62 -24.92 7.06
C VAL A 107 17.89 -25.25 8.53
N MET A 108 17.32 -26.35 9.00
CA MET A 108 17.52 -26.74 10.39
C MET A 108 16.97 -25.63 11.27
N LEU A 109 15.64 -25.59 11.41
CA LEU A 109 14.98 -24.57 12.21
C LEU A 109 14.45 -25.19 13.50
N GLY A 110 14.62 -24.48 14.61
CA GLY A 110 14.15 -24.99 15.88
C GLY A 110 14.87 -26.27 16.25
N GLY A 111 14.13 -27.27 16.71
CA GLY A 111 14.75 -28.52 17.08
C GLY A 111 14.54 -29.59 16.02
N GLU A 112 14.25 -29.15 14.79
CA GLU A 112 14.02 -30.06 13.68
C GLU A 112 14.58 -29.51 12.37
N GLU A 113 14.73 -30.38 11.38
CA GLU A 113 15.23 -29.96 10.07
C GLU A 113 14.03 -29.65 9.20
N VAL A 114 13.99 -28.44 8.65
CA VAL A 114 12.89 -28.00 7.81
C VAL A 114 13.37 -27.75 6.39
N ASP A 115 12.64 -28.31 5.42
CA ASP A 115 13.00 -28.14 4.02
C ASP A 115 12.68 -26.74 3.53
N GLY A 116 13.49 -26.27 2.58
CA GLY A 116 13.29 -24.93 2.05
C GLY A 116 14.51 -24.06 2.26
N VAL A 117 14.31 -22.76 2.09
CA VAL A 117 15.38 -21.79 2.26
C VAL A 117 14.84 -20.59 3.05
N VAL A 118 15.69 -19.96 3.84
CA VAL A 118 15.27 -18.80 4.60
C VAL A 118 15.15 -17.62 3.63
N THR A 119 13.91 -17.17 3.43
CA THR A 119 13.62 -16.07 2.51
C THR A 119 13.38 -14.78 3.26
N MET A 120 14.30 -13.82 3.10
CA MET A 120 14.17 -12.54 3.78
C MET A 120 13.44 -11.54 2.89
N TRP A 121 12.17 -11.85 2.63
CA TRP A 121 11.32 -11.04 1.78
C TRP A 121 11.07 -9.64 2.33
N GLY A 122 11.27 -9.46 3.64
CA GLY A 122 11.07 -8.14 4.24
C GLY A 122 11.94 -7.06 3.60
N ARG A 123 13.05 -7.46 2.98
CA ARG A 123 13.92 -6.49 2.32
C ARG A 123 13.22 -5.92 1.08
N TYR A 124 12.75 -6.81 0.22
CA TYR A 124 12.08 -6.42 -1.01
C TYR A 124 10.85 -5.57 -0.75
N LEU A 125 10.11 -5.91 0.30
CA LEU A 125 8.90 -5.19 0.66
C LEU A 125 9.15 -3.73 1.08
N THR A 126 10.15 -3.50 1.93
CA THR A 126 10.44 -2.13 2.36
C THR A 126 11.18 -1.32 1.30
N TRP A 127 11.83 -1.98 0.34
CA TRP A 127 12.52 -1.23 -0.72
C TRP A 127 11.49 -0.39 -1.47
N ALA A 128 10.26 -0.90 -1.54
CA ALA A 128 9.18 -0.22 -2.23
C ALA A 128 8.80 1.10 -1.57
N LEU A 129 9.26 1.29 -0.34
CA LEU A 129 8.99 2.52 0.42
C LEU A 129 10.23 3.38 0.51
N SER A 130 11.39 2.74 0.69
CA SER A 130 12.65 3.48 0.80
C SER A 130 13.27 3.94 -0.53
N THR A 131 13.23 3.11 -1.57
CA THR A 131 13.83 3.54 -2.83
C THR A 131 13.12 4.72 -3.49
N PRO A 132 11.79 4.84 -3.36
CA PRO A 132 11.10 5.97 -3.97
C PRO A 132 11.53 7.29 -3.32
N MET A 133 11.94 7.21 -2.05
CA MET A 133 12.38 8.40 -1.32
C MET A 133 13.76 8.82 -1.79
N ILE A 134 14.60 7.85 -2.13
CA ILE A 134 15.94 8.14 -2.63
C ILE A 134 15.72 8.90 -3.95
N LEU A 135 14.79 8.40 -4.75
CA LEU A 135 14.48 8.99 -6.05
C LEU A 135 13.82 10.37 -5.95
N LEU A 136 12.95 10.55 -4.96
CA LEU A 136 12.28 11.83 -4.77
C LEU A 136 13.34 12.90 -4.44
N ALA A 137 14.26 12.58 -3.53
CA ALA A 137 15.31 13.53 -3.16
C ALA A 137 16.22 13.83 -4.36
N LEU A 138 16.60 12.79 -5.09
CA LEU A 138 17.46 12.97 -6.27
C LEU A 138 16.79 13.79 -7.35
N GLY A 139 15.53 13.45 -7.66
CA GLY A 139 14.80 14.17 -8.69
C GLY A 139 14.65 15.64 -8.36
N LEU A 140 14.33 15.94 -7.10
CA LEU A 140 14.20 17.33 -6.66
C LEU A 140 15.55 18.03 -6.79
N LEU A 141 16.60 17.37 -6.33
CA LEU A 141 17.94 17.95 -6.39
C LEU A 141 18.24 18.36 -7.83
N ALA A 142 17.85 17.50 -8.76
CA ALA A 142 18.06 17.72 -10.19
C ALA A 142 17.06 18.68 -10.84
N GLY A 143 16.12 19.19 -10.07
CA GLY A 143 15.11 20.10 -10.62
C GLY A 143 14.20 19.42 -11.63
N SER A 144 13.82 18.18 -11.35
CA SER A 144 12.93 17.41 -12.23
C SER A 144 11.49 17.93 -12.22
N ASN A 145 10.80 17.81 -13.35
CA ASN A 145 9.40 18.22 -13.40
C ASN A 145 8.63 17.04 -12.80
N ALA A 146 7.31 17.21 -12.63
CA ALA A 146 6.48 16.16 -12.03
C ALA A 146 6.34 14.87 -12.85
N THR A 147 6.36 14.99 -14.18
CA THR A 147 6.22 13.83 -15.04
C THR A 147 7.35 12.80 -14.85
N LYS A 148 8.59 13.27 -14.82
CA LYS A 148 9.72 12.36 -14.67
C LYS A 148 9.79 11.79 -13.26
N LEU A 149 9.36 12.57 -12.27
CA LEU A 149 9.35 12.10 -10.89
C LEU A 149 8.31 10.98 -10.75
N PHE A 150 7.14 11.21 -11.34
CA PHE A 150 6.04 10.22 -11.29
C PHE A 150 6.48 8.94 -11.98
N THR A 151 7.14 9.09 -13.13
CA THR A 151 7.61 7.94 -13.89
C THR A 151 8.68 7.16 -13.13
N ALA A 152 9.66 7.86 -12.57
CA ALA A 152 10.73 7.22 -11.82
C ALA A 152 10.20 6.45 -10.61
N ILE A 153 9.34 7.10 -9.84
CA ILE A 153 8.76 6.51 -8.63
C ILE A 153 7.82 5.32 -8.89
N THR A 154 6.93 5.42 -9.89
CA THR A 154 6.01 4.32 -10.16
C THR A 154 6.73 3.07 -10.66
N PHE A 155 7.71 3.24 -11.55
CA PHE A 155 8.44 2.11 -12.08
C PHE A 155 9.42 1.53 -11.08
N ASP A 156 9.84 2.38 -10.14
CA ASP A 156 10.74 1.91 -9.11
C ASP A 156 9.92 1.05 -8.15
N ILE A 157 8.70 1.49 -7.85
CA ILE A 157 7.84 0.72 -6.96
C ILE A 157 7.49 -0.63 -7.64
N ALA A 158 7.25 -0.60 -8.94
CA ALA A 158 6.93 -1.80 -9.72
C ALA A 158 8.12 -2.75 -9.71
N MET A 159 9.32 -2.20 -9.83
CA MET A 159 10.54 -3.00 -9.80
C MET A 159 10.63 -3.78 -8.48
N CYS A 160 10.40 -3.06 -7.38
CA CYS A 160 10.46 -3.65 -6.04
C CYS A 160 9.37 -4.69 -5.76
N VAL A 161 8.15 -4.40 -6.20
CA VAL A 161 7.03 -5.30 -5.97
C VAL A 161 7.14 -6.58 -6.80
N THR A 162 7.65 -6.46 -8.02
CA THR A 162 7.81 -7.64 -8.87
C THR A 162 9.01 -8.45 -8.38
N GLY A 163 9.90 -7.79 -7.65
CA GLY A 163 11.07 -8.45 -7.10
C GLY A 163 10.61 -9.27 -5.90
N LEU A 164 9.72 -8.68 -5.11
CA LEU A 164 9.14 -9.34 -3.95
C LEU A 164 8.33 -10.57 -4.44
N ALA A 165 7.61 -10.40 -5.54
CA ALA A 165 6.80 -11.49 -6.11
C ALA A 165 7.70 -12.64 -6.57
N ALA A 166 8.85 -12.31 -7.16
CA ALA A 166 9.78 -13.34 -7.65
C ALA A 166 10.28 -14.22 -6.51
N ALA A 167 10.68 -13.59 -5.40
CA ALA A 167 11.18 -14.32 -4.26
C ALA A 167 10.08 -15.13 -3.58
N LEU A 168 8.85 -14.64 -3.66
CA LEU A 168 7.70 -15.31 -3.04
C LEU A 168 7.09 -16.44 -3.90
N THR A 169 7.49 -16.51 -5.15
CA THR A 169 6.95 -17.52 -6.07
C THR A 169 7.68 -18.86 -5.90
N THR A 170 6.96 -19.87 -5.45
CA THR A 170 7.53 -21.20 -5.22
C THR A 170 6.97 -22.30 -6.14
N SER A 171 6.01 -21.95 -6.98
CA SER A 171 5.37 -22.92 -7.86
C SER A 171 6.15 -23.34 -9.08
N SER A 172 6.84 -22.38 -9.69
CA SER A 172 7.58 -22.61 -10.91
C SER A 172 8.88 -21.83 -10.95
N HIS A 173 9.96 -22.53 -11.29
CA HIS A 173 11.29 -21.92 -11.39
C HIS A 173 11.27 -20.87 -12.49
N LEU A 174 10.59 -21.19 -13.60
CA LEU A 174 10.51 -20.29 -14.73
C LEU A 174 9.77 -18.99 -14.36
N MET A 175 8.72 -19.10 -13.56
CA MET A 175 7.95 -17.93 -13.14
C MET A 175 8.81 -16.99 -12.30
N ARG A 176 9.66 -17.56 -11.44
CA ARG A 176 10.56 -16.75 -10.60
C ARG A 176 11.42 -15.85 -11.46
N TRP A 177 12.03 -16.43 -12.50
CA TRP A 177 12.88 -15.64 -13.38
C TRP A 177 12.12 -14.72 -14.32
N PHE A 178 10.85 -15.04 -14.60
CA PHE A 178 10.02 -14.18 -15.45
C PHE A 178 9.74 -12.92 -14.62
N TRP A 179 9.42 -13.08 -13.34
CA TRP A 179 9.18 -11.93 -12.47
C TRP A 179 10.43 -11.08 -12.44
N TYR A 180 11.58 -11.74 -12.27
CA TYR A 180 12.88 -11.09 -12.21
C TYR A 180 13.10 -10.23 -13.45
N ALA A 181 12.75 -10.76 -14.62
CA ALA A 181 12.90 -10.04 -15.88
C ALA A 181 12.00 -8.80 -15.92
N ILE A 182 10.75 -8.97 -15.52
CA ILE A 182 9.82 -7.86 -15.49
C ILE A 182 10.41 -6.79 -14.58
N SER A 183 10.93 -7.22 -13.44
CA SER A 183 11.54 -6.29 -12.50
C SER A 183 12.71 -5.53 -13.15
N CYS A 184 13.58 -6.26 -13.86
CA CYS A 184 14.72 -5.65 -14.53
C CYS A 184 14.28 -4.62 -15.56
N ALA A 185 13.18 -4.88 -16.27
CA ALA A 185 12.66 -3.96 -17.28
C ALA A 185 12.27 -2.65 -16.60
N CYS A 186 11.69 -2.76 -15.40
CA CYS A 186 11.29 -1.58 -14.66
C CYS A 186 12.54 -0.82 -14.20
N PHE A 187 13.58 -1.57 -13.85
CA PHE A 187 14.85 -0.99 -13.40
C PHE A 187 15.46 -0.14 -14.50
N ILE A 188 15.37 -0.59 -15.76
CA ILE A 188 15.96 0.18 -16.85
C ILE A 188 15.28 1.53 -17.01
N VAL A 189 13.99 1.61 -16.67
CA VAL A 189 13.28 2.88 -16.75
C VAL A 189 13.90 3.85 -15.74
N VAL A 190 14.11 3.37 -14.51
CA VAL A 190 14.71 4.23 -13.48
C VAL A 190 16.12 4.64 -13.90
N LEU A 191 16.89 3.69 -14.41
CA LEU A 191 18.26 3.97 -14.84
C LEU A 191 18.30 5.00 -15.97
N TYR A 192 17.32 4.91 -16.87
CA TYR A 192 17.29 5.85 -17.97
C TYR A 192 17.03 7.25 -17.45
N ILE A 193 16.08 7.39 -16.53
CA ILE A 193 15.78 8.71 -15.98
C ILE A 193 16.99 9.30 -15.23
N LEU A 194 17.67 8.46 -14.45
CA LEU A 194 18.84 8.90 -13.71
C LEU A 194 19.99 9.34 -14.64
N LEU A 195 20.38 8.43 -15.53
CA LEU A 195 21.49 8.67 -16.43
C LEU A 195 21.26 9.60 -17.61
N VAL A 196 20.04 9.64 -18.13
CA VAL A 196 19.77 10.50 -19.29
C VAL A 196 19.00 11.79 -19.00
N GLU A 197 17.82 11.66 -18.40
CA GLU A 197 16.98 12.81 -18.13
C GLU A 197 17.44 13.76 -17.03
N TRP A 198 17.52 13.26 -15.79
CA TRP A 198 17.93 14.12 -14.68
C TRP A 198 19.38 14.59 -14.80
N ALA A 199 20.21 13.84 -15.52
CA ALA A 199 21.60 14.25 -15.69
C ALA A 199 21.61 15.61 -16.40
N GLN A 200 20.71 15.77 -17.35
CA GLN A 200 20.61 17.02 -18.09
C GLN A 200 19.82 18.08 -17.35
N ASP A 201 18.78 17.68 -16.62
CA ASP A 201 17.97 18.63 -15.86
C ASP A 201 18.76 19.29 -14.74
N ALA A 202 19.75 18.59 -14.22
CA ALA A 202 20.54 19.14 -13.11
C ALA A 202 21.38 20.31 -13.59
N LYS A 203 21.71 20.31 -14.88
CA LYS A 203 22.50 21.39 -15.44
C LYS A 203 21.69 22.68 -15.39
N ALA A 204 20.39 22.59 -15.67
CA ALA A 204 19.53 23.76 -15.62
C ALA A 204 19.26 24.14 -14.16
N ALA A 205 19.20 23.12 -13.30
CA ALA A 205 18.94 23.32 -11.87
C ALA A 205 20.12 23.94 -11.13
N GLY A 206 21.31 23.86 -11.70
CA GLY A 206 22.50 24.41 -11.07
C GLY A 206 23.10 23.45 -10.06
N THR A 207 22.79 22.17 -10.20
CA THR A 207 23.28 21.14 -9.29
C THR A 207 23.95 20.03 -10.08
N ALA A 208 24.51 20.39 -11.23
CA ALA A 208 25.15 19.42 -12.10
C ALA A 208 26.18 18.50 -11.42
N ASP A 209 27.15 19.09 -10.73
CA ASP A 209 28.22 18.33 -10.07
C ASP A 209 27.79 17.40 -8.95
N ILE A 210 26.97 17.91 -8.03
CA ILE A 210 26.53 17.07 -6.93
C ILE A 210 25.57 16.00 -7.45
N PHE A 211 24.70 16.33 -8.40
CA PHE A 211 23.80 15.30 -8.91
C PHE A 211 24.57 14.21 -9.65
N SER A 212 25.57 14.60 -10.43
CA SER A 212 26.35 13.61 -11.19
C SER A 212 27.05 12.63 -10.25
N THR A 213 27.55 13.13 -9.13
CA THR A 213 28.23 12.31 -8.13
C THR A 213 27.23 11.32 -7.53
N LEU A 214 26.10 11.84 -7.05
CA LEU A 214 25.09 10.99 -6.42
C LEU A 214 24.42 10.07 -7.45
N LYS A 215 24.37 10.51 -8.70
CA LYS A 215 23.79 9.71 -9.77
C LYS A 215 24.65 8.47 -10.02
N LEU A 216 25.96 8.67 -10.08
CA LEU A 216 26.89 7.57 -10.30
C LEU A 216 26.91 6.62 -9.11
N LEU A 217 26.98 7.17 -7.90
CA LEU A 217 26.99 6.32 -6.71
C LEU A 217 25.74 5.45 -6.66
N THR A 218 24.58 6.07 -6.91
CA THR A 218 23.32 5.36 -6.91
C THR A 218 23.28 4.26 -8.00
N VAL A 219 23.66 4.60 -9.23
CA VAL A 219 23.63 3.61 -10.31
C VAL A 219 24.53 2.40 -10.04
N VAL A 220 25.77 2.67 -9.61
CA VAL A 220 26.71 1.59 -9.30
C VAL A 220 26.19 0.67 -8.18
N MET A 221 25.69 1.25 -7.10
CA MET A 221 25.21 0.43 -5.98
C MET A 221 23.92 -0.32 -6.29
N TRP A 222 22.96 0.34 -6.94
CA TRP A 222 21.71 -0.32 -7.25
C TRP A 222 21.92 -1.51 -8.18
N LEU A 223 22.89 -1.41 -9.08
CA LEU A 223 23.19 -2.53 -9.98
C LEU A 223 23.64 -3.75 -9.16
N GLY A 224 24.12 -3.50 -7.95
CA GLY A 224 24.55 -4.59 -7.10
C GLY A 224 23.42 -5.50 -6.63
N TYR A 225 22.25 -4.92 -6.36
CA TYR A 225 21.13 -5.71 -5.85
C TYR A 225 20.64 -6.87 -6.71
N PRO A 226 20.43 -6.65 -8.03
CA PRO A 226 19.97 -7.79 -8.82
C PRO A 226 21.09 -8.81 -9.02
N ILE A 227 22.34 -8.37 -8.89
CA ILE A 227 23.46 -9.28 -9.03
C ILE A 227 23.46 -10.19 -7.81
N VAL A 228 23.28 -9.60 -6.62
CA VAL A 228 23.23 -10.39 -5.38
C VAL A 228 22.03 -11.34 -5.37
N TRP A 229 20.89 -10.87 -5.87
CA TRP A 229 19.68 -11.70 -5.90
C TRP A 229 19.96 -12.94 -6.74
N ALA A 230 20.55 -12.72 -7.90
CA ALA A 230 20.90 -13.78 -8.84
C ALA A 230 21.90 -14.79 -8.32
N LEU A 231 22.84 -14.32 -7.50
CA LEU A 231 23.89 -15.17 -6.95
C LEU A 231 23.48 -15.82 -5.62
N GLY A 232 22.52 -15.20 -4.94
CA GLY A 232 22.06 -15.74 -3.67
C GLY A 232 21.09 -16.91 -3.76
N VAL A 233 20.60 -17.35 -2.60
CA VAL A 233 19.69 -18.48 -2.49
C VAL A 233 18.41 -18.31 -3.31
N GLU A 234 18.02 -17.07 -3.54
CA GLU A 234 16.82 -16.79 -4.34
C GLU A 234 17.11 -17.13 -5.80
N GLY A 235 18.38 -16.97 -6.18
CA GLY A 235 18.78 -17.24 -7.55
C GLY A 235 19.48 -18.57 -7.77
N VAL A 236 20.70 -18.51 -8.30
CA VAL A 236 21.48 -19.72 -8.59
C VAL A 236 22.11 -20.34 -7.33
N ALA A 237 21.85 -19.72 -6.18
CA ALA A 237 22.32 -20.21 -4.90
C ALA A 237 23.81 -20.50 -4.70
N VAL A 238 24.68 -19.64 -5.21
CA VAL A 238 26.12 -19.84 -5.02
C VAL A 238 26.48 -19.21 -3.68
N LEU A 239 25.62 -18.29 -3.22
CA LEU A 239 25.83 -17.61 -1.96
C LEU A 239 24.79 -18.00 -0.91
N PRO A 240 25.22 -18.56 0.23
CA PRO A 240 24.28 -18.96 1.28
C PRO A 240 23.56 -17.73 1.83
N VAL A 241 22.42 -17.97 2.47
CA VAL A 241 21.61 -16.89 3.03
C VAL A 241 22.37 -15.86 3.86
N GLY A 242 23.26 -16.33 4.73
CA GLY A 242 24.03 -15.42 5.57
C GLY A 242 24.90 -14.46 4.78
N TYR A 243 25.46 -14.96 3.68
CA TYR A 243 26.33 -14.16 2.84
C TYR A 243 25.53 -13.26 1.92
N THR A 244 24.39 -13.76 1.46
CA THR A 244 23.51 -12.96 0.61
C THR A 244 23.01 -11.79 1.46
N SER A 245 22.75 -12.05 2.74
CA SER A 245 22.27 -11.00 3.63
C SER A 245 23.32 -9.91 3.87
N TRP A 246 24.58 -10.31 4.07
CA TRP A 246 25.63 -9.32 4.29
C TRP A 246 25.85 -8.51 3.01
N ALA A 247 25.68 -9.14 1.87
CA ALA A 247 25.85 -8.43 0.60
C ALA A 247 24.85 -7.26 0.53
N TYR A 248 23.59 -7.56 0.85
CA TYR A 248 22.54 -6.53 0.83
C TYR A 248 22.77 -5.46 1.87
N SER A 249 23.13 -5.87 3.09
CA SER A 249 23.38 -4.93 4.18
C SER A 249 24.52 -3.99 3.85
N ALA A 250 25.54 -4.49 3.18
CA ALA A 250 26.70 -3.68 2.80
C ALA A 250 26.26 -2.68 1.72
N LEU A 251 25.48 -3.17 0.76
CA LEU A 251 24.98 -2.31 -0.31
C LEU A 251 24.14 -1.17 0.31
N ASP A 252 23.28 -1.52 1.26
CA ASP A 252 22.42 -0.53 1.95
C ASP A 252 23.25 0.54 2.67
N ILE A 253 24.31 0.11 3.33
CA ILE A 253 25.13 1.08 4.04
C ILE A 253 25.59 2.17 3.08
N VAL A 254 25.92 1.79 1.85
CA VAL A 254 26.37 2.79 0.87
C VAL A 254 25.23 3.49 0.11
N ALA A 255 24.36 2.71 -0.52
CA ALA A 255 23.26 3.26 -1.31
C ALA A 255 22.23 4.04 -0.49
N LYS A 256 22.16 3.78 0.80
CA LYS A 256 21.22 4.48 1.67
C LYS A 256 21.90 5.46 2.62
N TYR A 257 22.61 4.92 3.63
CA TYR A 257 23.22 5.76 4.66
C TYR A 257 24.31 6.72 4.22
N ILE A 258 25.34 6.24 3.53
CA ILE A 258 26.38 7.17 3.13
C ILE A 258 25.83 8.06 2.01
N PHE A 259 25.01 7.49 1.12
CA PHE A 259 24.42 8.28 0.04
C PHE A 259 23.67 9.47 0.65
N ALA A 260 22.84 9.20 1.65
CA ALA A 260 22.06 10.25 2.31
C ALA A 260 22.96 11.31 2.98
N PHE A 261 24.03 10.84 3.63
CA PHE A 261 25.00 11.72 4.30
C PHE A 261 25.64 12.66 3.27
N LEU A 262 26.04 12.11 2.13
CA LEU A 262 26.65 12.92 1.08
C LEU A 262 25.66 13.94 0.54
N LEU A 263 24.41 13.54 0.33
CA LEU A 263 23.41 14.43 -0.21
C LEU A 263 23.09 15.57 0.79
N LEU A 264 22.91 15.22 2.06
CA LEU A 264 22.60 16.22 3.09
C LEU A 264 23.78 17.15 3.35
N ASN A 265 24.99 16.62 3.17
CA ASN A 265 26.21 17.40 3.36
C ASN A 265 26.24 18.53 2.32
N TYR A 266 25.76 18.24 1.12
CA TYR A 266 25.72 19.26 0.07
C TYR A 266 24.57 20.23 0.34
N LEU A 267 23.39 19.66 0.62
CA LEU A 267 22.19 20.43 0.88
C LEU A 267 22.36 21.54 1.91
N THR A 268 22.97 21.18 3.04
CA THR A 268 23.17 22.14 4.12
C THR A 268 24.24 23.19 3.92
N SER A 269 24.95 23.13 2.79
CA SER A 269 25.98 24.11 2.49
C SER A 269 25.53 24.88 1.25
N ASN A 270 24.44 24.42 0.64
CA ASN A 270 23.93 25.01 -0.59
C ASN A 270 22.42 25.20 -0.62
N GLU A 271 21.83 25.48 0.54
CA GLU A 271 20.37 25.66 0.62
C GLU A 271 19.81 26.63 -0.40
N GLY A 272 20.53 27.72 -0.63
CA GLY A 272 20.07 28.73 -1.58
C GLY A 272 19.91 28.26 -3.00
N VAL A 273 20.78 27.34 -3.41
CA VAL A 273 20.76 26.77 -4.77
C VAL A 273 19.50 25.97 -5.08
N VAL A 274 19.02 25.21 -4.12
CA VAL A 274 17.84 24.38 -4.31
C VAL A 274 16.58 25.04 -3.75
N SER A 275 16.74 26.21 -3.16
CA SER A 275 15.62 26.91 -2.54
C SER A 275 14.41 27.07 -3.44
N GLY A 276 14.62 27.53 -4.68
CA GLY A 276 13.53 27.71 -5.61
C GLY A 276 12.16 27.75 -4.96
N SER A 277 11.25 26.92 -5.45
CA SER A 277 9.88 26.85 -4.90
C SER A 277 9.23 25.52 -5.29
N GLU B 18 -3.30 -25.38 3.36
CA GLU B 18 -2.89 -26.77 2.97
C GLU B 18 -2.51 -26.77 1.49
N VAL B 19 -3.33 -26.13 0.66
CA VAL B 19 -3.07 -26.08 -0.76
C VAL B 19 -1.81 -25.28 -1.08
N THR B 20 -0.94 -25.88 -1.87
CA THR B 20 0.32 -25.27 -2.27
C THR B 20 0.17 -24.33 -3.46
N GLN B 21 1.09 -23.39 -3.57
CA GLN B 21 1.10 -22.46 -4.69
C GLN B 21 1.27 -23.27 -5.98
N ARG B 22 2.15 -24.27 -5.94
CA ARG B 22 2.41 -25.12 -7.11
C ARG B 22 1.13 -25.84 -7.54
N GLU B 23 0.34 -26.27 -6.58
CA GLU B 23 -0.91 -26.95 -6.88
C GLU B 23 -1.90 -26.04 -7.58
N LEU B 24 -1.90 -24.76 -7.23
CA LEU B 24 -2.80 -23.80 -7.85
C LEU B 24 -2.29 -23.49 -9.24
N PHE B 25 -0.97 -23.45 -9.37
CA PHE B 25 -0.30 -23.20 -10.64
C PHE B 25 -0.62 -24.35 -11.60
N GLU B 26 -0.68 -25.55 -11.06
CA GLU B 26 -0.99 -26.72 -11.87
C GLU B 26 -2.48 -26.73 -12.17
N PHE B 27 -3.27 -26.26 -11.22
CA PHE B 27 -4.71 -26.19 -11.42
C PHE B 27 -5.03 -25.30 -12.63
N VAL B 28 -4.35 -24.15 -12.73
CA VAL B 28 -4.55 -23.24 -13.85
C VAL B 28 -4.23 -24.02 -15.11
N LEU B 29 -2.99 -24.52 -15.20
CA LEU B 29 -2.62 -25.34 -16.35
C LEU B 29 -3.58 -26.53 -16.14
N ASN B 30 -3.70 -27.43 -17.10
CA ASN B 30 -4.61 -28.56 -16.94
C ASN B 30 -6.07 -28.15 -17.17
N ASP B 31 -6.33 -26.85 -17.12
CA ASP B 31 -7.68 -26.32 -17.37
C ASP B 31 -7.53 -25.31 -18.49
N PRO B 32 -7.70 -25.76 -19.75
CA PRO B 32 -7.59 -24.92 -20.95
C PRO B 32 -8.29 -23.56 -20.89
N LEU B 33 -9.52 -23.54 -20.38
CA LEU B 33 -10.26 -22.29 -20.28
C LEU B 33 -9.52 -21.33 -19.36
N LEU B 34 -9.29 -21.78 -18.13
CA LEU B 34 -8.62 -21.00 -17.12
C LEU B 34 -7.21 -20.57 -17.54
N ALA B 35 -6.44 -21.52 -18.07
CA ALA B 35 -5.09 -21.24 -18.52
C ALA B 35 -5.08 -20.22 -19.64
N SER B 36 -5.96 -20.39 -20.63
CA SER B 36 -6.01 -19.46 -21.74
C SER B 36 -6.41 -18.06 -21.28
N SER B 37 -7.33 -17.97 -20.33
CA SER B 37 -7.78 -16.66 -19.86
C SER B 37 -6.65 -15.86 -19.21
N LEU B 38 -5.72 -16.58 -18.58
CA LEU B 38 -4.60 -15.95 -17.90
C LEU B 38 -3.35 -15.75 -18.76
N TYR B 39 -2.90 -16.80 -19.43
CA TYR B 39 -1.70 -16.68 -20.25
C TYR B 39 -1.85 -15.79 -21.47
N ILE B 40 -3.07 -15.70 -22.01
CA ILE B 40 -3.31 -14.85 -23.17
C ILE B 40 -3.14 -13.38 -22.76
N ASN B 41 -3.54 -13.03 -21.53
CA ASN B 41 -3.41 -11.65 -21.12
C ASN B 41 -2.00 -11.27 -20.65
N ILE B 42 -1.20 -12.27 -20.28
CA ILE B 42 0.18 -11.99 -19.90
C ILE B 42 0.84 -11.58 -21.23
N ALA B 43 0.52 -12.33 -22.29
CA ALA B 43 1.09 -12.04 -23.60
C ALA B 43 0.57 -10.71 -24.16
N LEU B 44 -0.74 -10.50 -24.04
CA LEU B 44 -1.36 -9.27 -24.56
C LEU B 44 -0.94 -8.04 -23.78
N ALA B 45 -0.86 -8.16 -22.46
CA ALA B 45 -0.45 -7.03 -21.63
C ALA B 45 1.00 -6.68 -21.99
N GLY B 46 1.82 -7.70 -22.15
CA GLY B 46 3.22 -7.49 -22.49
C GLY B 46 3.39 -6.88 -23.86
N LEU B 47 2.56 -7.30 -24.81
CA LEU B 47 2.61 -6.75 -26.16
C LEU B 47 2.09 -5.32 -26.17
N SER B 48 1.10 -5.05 -25.33
CA SER B 48 0.54 -3.71 -25.25
C SER B 48 1.60 -2.73 -24.78
N ILE B 49 2.28 -3.06 -23.69
CA ILE B 49 3.33 -2.21 -23.15
C ILE B 49 4.34 -1.87 -24.25
N LEU B 50 4.83 -2.89 -24.95
CA LEU B 50 5.81 -2.67 -26.01
C LEU B 50 5.25 -1.75 -27.10
N LEU B 51 4.03 -2.03 -27.53
CA LEU B 51 3.36 -1.24 -28.55
C LEU B 51 3.14 0.20 -28.11
N PHE B 52 2.70 0.38 -26.86
CA PHE B 52 2.44 1.71 -26.36
C PHE B 52 3.70 2.54 -26.19
N VAL B 53 4.78 1.90 -25.77
CA VAL B 53 6.04 2.61 -25.61
C VAL B 53 6.46 3.10 -27.01
N PHE B 54 6.37 2.21 -27.99
CA PHE B 54 6.72 2.54 -29.36
C PHE B 54 5.84 3.68 -29.91
N MET B 55 4.54 3.58 -29.66
CA MET B 55 3.57 4.59 -30.12
C MET B 55 3.79 6.01 -29.58
N THR B 56 4.33 6.11 -28.38
CA THR B 56 4.53 7.43 -27.78
C THR B 56 5.97 7.94 -27.76
N ARG B 57 6.87 7.22 -28.42
CA ARG B 57 8.29 7.59 -28.48
C ARG B 57 8.52 8.98 -29.05
N GLY B 58 7.52 9.54 -29.70
CA GLY B 58 7.67 10.86 -30.28
C GLY B 58 7.20 12.02 -29.43
N LEU B 59 6.44 11.74 -28.37
CA LEU B 59 5.94 12.80 -27.51
C LEU B 59 7.07 13.67 -26.97
N ASP B 60 6.76 14.95 -26.78
CA ASP B 60 7.72 15.91 -26.27
C ASP B 60 7.17 16.68 -25.08
N ASP B 61 5.88 17.01 -25.14
CA ASP B 61 5.23 17.76 -24.07
C ASP B 61 5.10 16.96 -22.77
N PRO B 62 5.54 17.53 -21.65
CA PRO B 62 5.46 16.86 -20.34
C PRO B 62 4.07 16.43 -19.87
N ARG B 63 3.05 17.28 -20.05
CA ARG B 63 1.71 16.91 -19.61
C ARG B 63 1.21 15.72 -20.43
N ALA B 64 1.46 15.75 -21.73
CA ALA B 64 1.05 14.66 -22.60
C ALA B 64 1.78 13.39 -22.16
N LYS B 65 3.03 13.56 -21.75
CA LYS B 65 3.84 12.43 -21.30
C LYS B 65 3.32 11.87 -19.99
N LEU B 66 2.74 12.73 -19.15
CA LEU B 66 2.20 12.27 -17.87
C LEU B 66 0.99 11.39 -18.17
N ILE B 67 0.18 11.82 -19.14
CA ILE B 67 -0.99 11.04 -19.52
C ILE B 67 -0.55 9.69 -20.10
N ALA B 68 0.47 9.73 -20.95
CA ALA B 68 0.99 8.52 -21.58
C ALA B 68 1.56 7.51 -20.56
N VAL B 69 2.34 7.98 -19.59
CA VAL B 69 2.93 7.09 -18.59
C VAL B 69 1.86 6.46 -17.72
N SER B 70 0.93 7.27 -17.24
CA SER B 70 -0.16 6.78 -16.40
C SER B 70 -0.94 5.69 -17.14
N THR B 71 -1.08 5.87 -18.45
CA THR B 71 -1.80 4.92 -19.30
C THR B 71 -1.00 3.63 -19.48
N ILE B 72 0.30 3.79 -19.70
CA ILE B 72 1.19 2.65 -19.90
C ILE B 72 1.30 1.80 -18.63
N LEU B 73 1.14 2.42 -17.47
CA LEU B 73 1.22 1.70 -16.21
C LEU B 73 0.03 0.74 -16.06
N VAL B 74 -1.01 0.95 -16.86
CA VAL B 74 -2.19 0.10 -16.78
C VAL B 74 -1.86 -1.34 -17.17
N PRO B 75 -1.20 -1.54 -18.34
CA PRO B 75 -0.85 -2.91 -18.73
C PRO B 75 0.37 -3.41 -17.96
N VAL B 76 1.16 -2.49 -17.39
CA VAL B 76 2.33 -2.88 -16.60
C VAL B 76 1.81 -3.56 -15.32
N VAL B 77 0.84 -2.93 -14.68
CA VAL B 77 0.23 -3.51 -13.48
C VAL B 77 -0.48 -4.81 -13.89
N SER B 78 -1.14 -4.77 -15.04
CA SER B 78 -1.87 -5.93 -15.54
C SER B 78 -1.02 -7.16 -15.84
N ILE B 79 0.15 -6.97 -16.48
CA ILE B 79 0.97 -8.13 -16.77
C ILE B 79 1.46 -8.75 -15.47
N ALA B 80 1.73 -7.91 -14.47
CA ALA B 80 2.17 -8.40 -13.17
C ALA B 80 1.00 -9.13 -12.49
N SER B 81 -0.20 -8.57 -12.60
CA SER B 81 -1.39 -9.16 -11.99
C SER B 81 -1.68 -10.56 -12.53
N TYR B 82 -1.58 -10.71 -13.85
CA TYR B 82 -1.85 -12.00 -14.47
C TYR B 82 -0.76 -13.03 -14.19
N THR B 83 0.46 -12.56 -13.99
CA THR B 83 1.57 -13.46 -13.65
C THR B 83 1.32 -13.94 -12.22
N GLY B 84 0.79 -13.03 -11.38
CA GLY B 84 0.50 -13.37 -10.00
C GLY B 84 -0.56 -14.46 -9.92
N LEU B 85 -1.54 -14.38 -10.83
CA LEU B 85 -2.62 -15.36 -10.87
C LEU B 85 -2.15 -16.68 -11.51
N ALA B 86 -1.52 -16.59 -12.67
CA ALA B 86 -1.04 -17.78 -13.36
C ALA B 86 -0.03 -18.59 -12.56
N SER B 87 0.78 -17.90 -11.75
CA SER B 87 1.80 -18.55 -10.93
C SER B 87 1.24 -19.15 -9.65
N GLY B 88 -0.01 -18.81 -9.33
CA GLY B 88 -0.63 -19.31 -8.12
C GLY B 88 -0.33 -18.48 -6.88
N LEU B 89 0.51 -17.46 -7.03
CA LEU B 89 0.88 -16.59 -5.92
C LEU B 89 -0.32 -15.83 -5.35
N THR B 90 -1.22 -15.38 -6.22
CA THR B 90 -2.38 -14.64 -5.75
C THR B 90 -3.71 -15.35 -5.91
N ILE B 91 -3.72 -16.65 -5.70
CA ILE B 91 -4.93 -17.44 -5.76
C ILE B 91 -4.98 -18.28 -4.50
N SER B 92 -6.19 -18.50 -3.98
CA SER B 92 -6.36 -19.32 -2.78
C SER B 92 -7.64 -20.14 -2.90
N VAL B 93 -7.74 -21.17 -2.07
CA VAL B 93 -8.94 -22.00 -2.05
C VAL B 93 -9.61 -21.68 -0.71
N LEU B 94 -10.79 -21.08 -0.78
CA LEU B 94 -11.52 -20.70 0.42
C LEU B 94 -12.84 -21.46 0.53
N GLU B 95 -13.28 -21.70 1.76
CA GLU B 95 -14.55 -22.38 2.00
C GLU B 95 -15.62 -21.33 2.27
N MET B 96 -16.67 -21.34 1.47
CA MET B 96 -17.76 -20.37 1.63
C MET B 96 -18.59 -20.63 2.89
N PRO B 97 -19.09 -19.55 3.53
CA PRO B 97 -19.89 -19.71 4.75
C PRO B 97 -21.25 -20.36 4.53
N ALA B 98 -21.92 -20.68 5.63
CA ALA B 98 -23.23 -21.32 5.57
C ALA B 98 -24.24 -20.47 4.81
N GLY B 99 -24.96 -21.11 3.88
CA GLY B 99 -25.97 -20.40 3.11
C GLY B 99 -25.47 -19.93 1.77
N HIS B 100 -24.16 -19.75 1.64
CA HIS B 100 -23.59 -19.31 0.37
C HIS B 100 -23.95 -20.36 -0.67
N PHE B 101 -24.28 -19.92 -1.88
CA PHE B 101 -24.65 -20.82 -2.95
C PHE B 101 -23.58 -21.85 -3.29
N ALA B 102 -22.33 -21.58 -2.94
CA ALA B 102 -21.25 -22.52 -3.25
C ALA B 102 -20.65 -23.21 -2.03
N GLU B 103 -21.32 -23.15 -0.88
CA GLU B 103 -20.78 -23.82 0.30
C GLU B 103 -20.81 -25.32 0.05
N GLY B 104 -19.74 -26.01 0.42
CA GLY B 104 -19.70 -27.45 0.21
C GLY B 104 -19.15 -27.84 -1.15
N SER B 105 -18.72 -26.86 -1.93
CA SER B 105 -18.15 -27.14 -3.24
C SER B 105 -16.77 -27.74 -3.03
N SER B 106 -16.22 -28.37 -4.06
CA SER B 106 -14.89 -28.97 -3.99
C SER B 106 -14.12 -28.55 -5.22
N VAL B 107 -12.79 -28.62 -5.16
CA VAL B 107 -11.96 -28.19 -6.29
C VAL B 107 -11.12 -29.29 -6.95
N MET B 108 -10.43 -30.09 -6.15
CA MET B 108 -9.58 -31.15 -6.70
C MET B 108 -8.31 -30.64 -7.37
N LEU B 109 -7.18 -30.86 -6.70
CA LEU B 109 -5.89 -30.46 -7.20
C LEU B 109 -5.12 -31.70 -7.65
N GLY B 110 -5.04 -31.91 -8.96
CA GLY B 110 -4.35 -33.07 -9.48
C GLY B 110 -5.14 -34.33 -9.19
N GLY B 111 -4.72 -35.07 -8.17
CA GLY B 111 -5.40 -36.29 -7.81
C GLY B 111 -6.09 -36.22 -6.45
N GLU B 112 -6.11 -35.05 -5.83
CA GLU B 112 -6.76 -34.90 -4.53
C GLU B 112 -7.90 -33.89 -4.59
N GLU B 113 -9.00 -34.20 -3.91
CA GLU B 113 -10.14 -33.30 -3.89
C GLU B 113 -10.14 -32.48 -2.61
N VAL B 114 -10.32 -31.16 -2.75
CA VAL B 114 -10.33 -30.26 -1.60
C VAL B 114 -11.60 -29.41 -1.52
N ASP B 115 -12.07 -29.19 -0.30
CA ASP B 115 -13.26 -28.39 -0.06
C ASP B 115 -13.00 -26.90 -0.37
N GLY B 116 -14.03 -26.22 -0.88
CA GLY B 116 -13.88 -24.80 -1.17
C GLY B 116 -14.00 -24.42 -2.63
N VAL B 117 -13.71 -23.15 -2.91
CA VAL B 117 -13.76 -22.63 -4.27
C VAL B 117 -12.45 -21.93 -4.59
N VAL B 118 -12.16 -21.74 -5.87
CA VAL B 118 -10.94 -21.07 -6.29
C VAL B 118 -11.18 -19.57 -6.23
N THR B 119 -10.52 -18.90 -5.30
CA THR B 119 -10.67 -17.46 -5.13
C THR B 119 -9.46 -16.75 -5.73
N MET B 120 -9.69 -16.13 -6.89
CA MET B 120 -8.64 -15.42 -7.58
C MET B 120 -8.59 -13.96 -7.11
N TRP B 121 -8.24 -13.81 -5.84
CA TRP B 121 -8.17 -12.49 -5.21
C TRP B 121 -7.10 -11.59 -5.81
N GLY B 122 -6.17 -12.17 -6.55
CA GLY B 122 -5.14 -11.37 -7.17
C GLY B 122 -5.71 -10.29 -8.09
N ARG B 123 -6.89 -10.55 -8.63
CA ARG B 123 -7.55 -9.59 -9.53
C ARG B 123 -8.02 -8.37 -8.75
N TYR B 124 -8.77 -8.62 -7.67
CA TYR B 124 -9.30 -7.54 -6.84
C TYR B 124 -8.17 -6.72 -6.22
N LEU B 125 -7.08 -7.39 -5.87
CA LEU B 125 -5.95 -6.69 -5.26
C LEU B 125 -5.27 -5.73 -6.23
N THR B 126 -4.92 -6.20 -7.42
CA THR B 126 -4.23 -5.33 -8.38
C THR B 126 -5.11 -4.26 -9.02
N TRP B 127 -6.43 -4.44 -8.97
CA TRP B 127 -7.33 -3.43 -9.53
C TRP B 127 -7.13 -2.14 -8.75
N ALA B 128 -6.77 -2.27 -7.47
CA ALA B 128 -6.52 -1.11 -6.62
C ALA B 128 -5.34 -0.29 -7.15
N LEU B 129 -4.55 -0.88 -8.04
CA LEU B 129 -3.39 -0.19 -8.60
C LEU B 129 -3.60 0.19 -10.07
N SER B 130 -4.23 -0.69 -10.83
CA SER B 130 -4.47 -0.41 -12.26
C SER B 130 -5.63 0.54 -12.52
N THR B 131 -6.74 0.40 -11.79
CA THR B 131 -7.89 1.27 -12.04
C THR B 131 -7.63 2.73 -11.68
N PRO B 132 -6.80 3.00 -10.66
CA PRO B 132 -6.54 4.41 -10.34
C PRO B 132 -5.77 5.05 -11.49
N MET B 133 -4.94 4.25 -12.17
CA MET B 133 -4.15 4.75 -13.28
C MET B 133 -5.01 5.04 -14.51
N ILE B 134 -6.09 4.29 -14.67
CA ILE B 134 -7.00 4.50 -15.79
C ILE B 134 -7.73 5.82 -15.52
N LEU B 135 -8.15 5.99 -14.27
CA LEU B 135 -8.85 7.18 -13.84
C LEU B 135 -7.97 8.43 -13.96
N LEU B 136 -6.71 8.29 -13.57
CA LEU B 136 -5.77 9.42 -13.63
C LEU B 136 -5.56 9.87 -15.07
N ALA B 137 -5.37 8.93 -15.97
CA ALA B 137 -5.16 9.26 -17.38
C ALA B 137 -6.43 9.91 -17.97
N LEU B 138 -7.58 9.31 -17.67
CA LEU B 138 -8.86 9.82 -18.17
C LEU B 138 -9.16 11.20 -17.62
N GLY B 139 -8.96 11.37 -16.31
CA GLY B 139 -9.19 12.65 -15.67
C GLY B 139 -8.31 13.75 -16.25
N LEU B 140 -7.02 13.47 -16.41
CA LEU B 140 -6.12 14.45 -16.99
C LEU B 140 -6.57 14.77 -18.41
N LEU B 141 -6.94 13.75 -19.18
CA LEU B 141 -7.39 13.94 -20.55
C LEU B 141 -8.58 14.88 -20.60
N ALA B 142 -9.43 14.82 -19.58
CA ALA B 142 -10.63 15.66 -19.50
C ALA B 142 -10.39 17.00 -18.82
N GLY B 143 -9.14 17.28 -18.45
CA GLY B 143 -8.82 18.55 -17.80
C GLY B 143 -9.40 18.74 -16.41
N SER B 144 -9.57 17.64 -15.68
CA SER B 144 -10.10 17.68 -14.32
C SER B 144 -9.19 18.43 -13.35
N ASN B 145 -9.78 19.03 -12.32
CA ASN B 145 -8.94 19.71 -11.34
C ASN B 145 -8.49 18.63 -10.36
N ALA B 146 -7.61 18.97 -9.44
CA ALA B 146 -7.09 18.00 -8.48
C ALA B 146 -8.14 17.43 -7.52
N THR B 147 -9.12 18.24 -7.14
CA THR B 147 -10.15 17.77 -6.21
C THR B 147 -10.95 16.60 -6.76
N LYS B 148 -11.33 16.67 -8.03
CA LYS B 148 -12.12 15.60 -8.63
C LYS B 148 -11.25 14.36 -8.87
N LEU B 149 -9.99 14.57 -9.21
CA LEU B 149 -9.07 13.45 -9.43
C LEU B 149 -8.93 12.68 -8.13
N PHE B 150 -8.74 13.43 -7.04
CA PHE B 150 -8.57 12.88 -5.71
C PHE B 150 -9.79 12.08 -5.28
N THR B 151 -10.97 12.64 -5.52
CA THR B 151 -12.21 11.98 -5.16
C THR B 151 -12.42 10.68 -5.96
N ALA B 152 -12.24 10.76 -7.27
CA ALA B 152 -12.40 9.59 -8.13
C ALA B 152 -11.45 8.47 -7.73
N ILE B 153 -10.18 8.82 -7.58
CA ILE B 153 -9.14 7.85 -7.24
C ILE B 153 -9.30 7.22 -5.84
N THR B 154 -9.55 8.04 -4.83
CA THR B 154 -9.70 7.50 -3.48
C THR B 154 -10.89 6.55 -3.36
N PHE B 155 -12.04 6.95 -3.90
CA PHE B 155 -13.21 6.09 -3.82
C PHE B 155 -13.08 4.88 -4.73
N ASP B 156 -12.23 4.98 -5.75
CA ASP B 156 -12.00 3.88 -6.66
C ASP B 156 -11.18 2.82 -5.90
N ILE B 157 -10.19 3.28 -5.14
CA ILE B 157 -9.36 2.37 -4.38
C ILE B 157 -10.21 1.72 -3.30
N ALA B 158 -11.07 2.52 -2.66
CA ALA B 158 -11.95 1.98 -1.61
C ALA B 158 -12.85 0.89 -2.18
N MET B 159 -13.30 1.09 -3.42
CA MET B 159 -14.16 0.13 -4.10
C MET B 159 -13.44 -1.21 -4.28
N CYS B 160 -12.21 -1.13 -4.78
CA CYS B 160 -11.39 -2.31 -5.01
C CYS B 160 -11.05 -3.08 -3.74
N VAL B 161 -10.68 -2.35 -2.69
CA VAL B 161 -10.30 -2.97 -1.44
C VAL B 161 -11.48 -3.60 -0.70
N THR B 162 -12.66 -2.98 -0.77
CA THR B 162 -13.82 -3.57 -0.11
C THR B 162 -14.28 -4.79 -0.90
N GLY B 163 -14.06 -4.75 -2.21
CA GLY B 163 -14.44 -5.89 -3.04
C GLY B 163 -13.52 -7.06 -2.72
N LEU B 164 -12.26 -6.73 -2.45
CA LEU B 164 -11.26 -7.72 -2.08
C LEU B 164 -11.69 -8.33 -0.75
N ALA B 165 -12.10 -7.47 0.17
CA ALA B 165 -12.54 -7.91 1.49
C ALA B 165 -13.74 -8.84 1.37
N ALA B 166 -14.64 -8.53 0.44
CA ALA B 166 -15.82 -9.36 0.23
C ALA B 166 -15.38 -10.77 -0.18
N ALA B 167 -14.48 -10.86 -1.15
CA ALA B 167 -14.01 -12.16 -1.61
C ALA B 167 -13.31 -12.95 -0.50
N LEU B 168 -12.56 -12.26 0.35
CA LEU B 168 -11.81 -12.89 1.43
C LEU B 168 -12.61 -13.20 2.70
N THR B 169 -13.85 -12.74 2.78
CA THR B 169 -14.65 -12.99 3.96
C THR B 169 -15.34 -14.34 3.86
N THR B 170 -15.09 -15.21 4.83
CA THR B 170 -15.67 -16.55 4.85
C THR B 170 -16.50 -16.82 6.11
N SER B 171 -16.44 -15.89 7.06
CA SER B 171 -17.18 -16.02 8.32
C SER B 171 -18.69 -15.98 8.18
N SER B 172 -19.18 -15.05 7.37
CA SER B 172 -20.62 -14.88 7.19
C SER B 172 -20.99 -14.58 5.75
N HIS B 173 -22.09 -15.17 5.29
CA HIS B 173 -22.58 -14.95 3.94
C HIS B 173 -23.09 -13.52 3.85
N LEU B 174 -23.66 -13.06 4.96
CA LEU B 174 -24.23 -11.71 5.06
C LEU B 174 -23.14 -10.65 4.93
N MET B 175 -22.04 -10.84 5.67
CA MET B 175 -20.93 -9.89 5.64
C MET B 175 -20.36 -9.75 4.23
N ARG B 176 -20.29 -10.85 3.50
CA ARG B 176 -19.77 -10.83 2.14
C ARG B 176 -20.58 -9.87 1.28
N TRP B 177 -21.90 -9.96 1.36
CA TRP B 177 -22.73 -9.09 0.55
C TRP B 177 -22.76 -7.67 1.09
N PHE B 178 -22.42 -7.50 2.37
CA PHE B 178 -22.39 -6.17 2.96
C PHE B 178 -21.17 -5.44 2.37
N TRP B 179 -20.03 -6.12 2.34
CA TRP B 179 -18.80 -5.57 1.76
C TRP B 179 -19.11 -5.14 0.32
N TYR B 180 -19.75 -6.05 -0.41
CA TYR B 180 -20.13 -5.83 -1.79
C TYR B 180 -20.97 -4.56 -1.95
N ALA B 181 -21.90 -4.33 -1.01
CA ALA B 181 -22.76 -3.14 -1.08
C ALA B 181 -21.93 -1.88 -0.88
N ILE B 182 -21.05 -1.91 0.12
CA ILE B 182 -20.19 -0.78 0.41
C ILE B 182 -19.33 -0.46 -0.82
N SER B 183 -18.87 -1.51 -1.50
CA SER B 183 -18.06 -1.35 -2.69
C SER B 183 -18.85 -0.68 -3.82
N CYS B 184 -20.12 -1.08 -3.96
CA CYS B 184 -21.01 -0.52 -4.98
C CYS B 184 -21.23 0.96 -4.71
N ALA B 185 -21.31 1.34 -3.43
CA ALA B 185 -21.51 2.73 -3.05
C ALA B 185 -20.30 3.56 -3.46
N CYS B 186 -19.12 2.97 -3.40
CA CYS B 186 -17.90 3.68 -3.77
C CYS B 186 -17.88 3.78 -5.29
N PHE B 187 -18.41 2.74 -5.93
CA PHE B 187 -18.46 2.68 -7.38
C PHE B 187 -19.37 3.78 -7.95
N ILE B 188 -20.46 4.09 -7.28
CA ILE B 188 -21.36 5.13 -7.77
C ILE B 188 -20.65 6.49 -7.80
N VAL B 189 -19.78 6.74 -6.81
CA VAL B 189 -19.05 8.01 -6.76
C VAL B 189 -18.19 8.14 -8.01
N VAL B 190 -17.48 7.07 -8.34
CA VAL B 190 -16.62 7.06 -9.52
C VAL B 190 -17.46 7.29 -10.77
N LEU B 191 -18.60 6.61 -10.86
CA LEU B 191 -19.47 6.74 -12.02
C LEU B 191 -20.00 8.17 -12.14
N TYR B 192 -20.33 8.77 -11.00
CA TYR B 192 -20.84 10.14 -11.00
C TYR B 192 -19.82 11.10 -11.61
N ILE B 193 -18.58 11.02 -11.16
CA ILE B 193 -17.54 11.90 -11.67
C ILE B 193 -17.29 11.68 -13.17
N LEU B 194 -17.37 10.44 -13.62
CA LEU B 194 -17.13 10.13 -15.03
C LEU B 194 -18.24 10.65 -15.94
N LEU B 195 -19.47 10.24 -15.63
CA LEU B 195 -20.65 10.60 -16.40
C LEU B 195 -21.11 12.05 -16.28
N VAL B 196 -20.98 12.61 -15.09
CA VAL B 196 -21.42 13.98 -14.83
C VAL B 196 -20.31 15.02 -14.87
N GLU B 197 -19.37 14.94 -13.92
CA GLU B 197 -18.29 15.90 -13.82
C GLU B 197 -17.34 16.03 -15.00
N TRP B 198 -16.58 14.97 -15.29
CA TRP B 198 -15.61 15.01 -16.36
C TRP B 198 -16.17 15.19 -17.77
N ALA B 199 -17.41 14.78 -17.98
CA ALA B 199 -18.03 14.94 -19.30
C ALA B 199 -18.09 16.43 -19.60
N GLN B 200 -18.27 17.22 -18.55
CA GLN B 200 -18.34 18.67 -18.66
C GLN B 200 -16.95 19.28 -18.82
N ASP B 201 -16.00 18.82 -18.01
CA ASP B 201 -14.63 19.32 -18.06
C ASP B 201 -14.00 19.07 -19.42
N ALA B 202 -14.30 17.91 -20.00
CA ALA B 202 -13.76 17.53 -21.30
C ALA B 202 -14.07 18.57 -22.38
N LYS B 203 -15.29 19.11 -22.36
CA LYS B 203 -15.69 20.11 -23.34
C LYS B 203 -14.77 21.32 -23.21
N ALA B 204 -14.62 21.79 -21.97
CA ALA B 204 -13.77 22.94 -21.69
C ALA B 204 -12.30 22.68 -22.01
N ALA B 205 -11.90 21.41 -22.04
CA ALA B 205 -10.51 21.06 -22.34
C ALA B 205 -10.28 20.74 -23.80
N GLY B 206 -11.36 20.71 -24.59
CA GLY B 206 -11.24 20.41 -26.00
C GLY B 206 -11.06 18.92 -26.28
N THR B 207 -11.43 18.08 -25.33
CA THR B 207 -11.27 16.64 -25.51
C THR B 207 -12.59 15.87 -25.42
N ALA B 208 -13.71 16.60 -25.46
CA ALA B 208 -15.05 16.02 -25.37
C ALA B 208 -15.21 14.78 -26.25
N ASP B 209 -14.82 14.93 -27.51
CA ASP B 209 -14.90 13.86 -28.49
C ASP B 209 -14.30 12.54 -27.99
N ILE B 210 -12.98 12.53 -27.81
CA ILE B 210 -12.28 11.35 -27.34
C ILE B 210 -12.78 10.90 -25.96
N PHE B 211 -13.11 11.85 -25.09
CA PHE B 211 -13.59 11.50 -23.76
C PHE B 211 -14.90 10.74 -23.79
N SER B 212 -15.79 11.11 -24.70
CA SER B 212 -17.08 10.46 -24.81
C SER B 212 -16.90 8.98 -25.14
N THR B 213 -15.99 8.70 -26.06
CA THR B 213 -15.69 7.35 -26.47
C THR B 213 -15.11 6.52 -25.33
N LEU B 214 -14.18 7.12 -24.60
CA LEU B 214 -13.54 6.42 -23.49
C LEU B 214 -14.46 6.35 -22.27
N LYS B 215 -15.28 7.37 -22.07
CA LYS B 215 -16.22 7.39 -20.95
C LYS B 215 -17.26 6.30 -21.12
N LEU B 216 -17.79 6.18 -22.33
CA LEU B 216 -18.80 5.17 -22.63
C LEU B 216 -18.18 3.78 -22.48
N LEU B 217 -16.99 3.62 -23.04
CA LEU B 217 -16.29 2.35 -22.96
C LEU B 217 -16.08 1.98 -21.48
N THR B 218 -15.50 2.92 -20.72
CA THR B 218 -15.20 2.70 -19.32
C THR B 218 -16.42 2.34 -18.47
N VAL B 219 -17.50 3.12 -18.58
CA VAL B 219 -18.69 2.85 -17.79
C VAL B 219 -19.32 1.50 -18.10
N VAL B 220 -19.48 1.18 -19.38
CA VAL B 220 -20.10 -0.09 -19.76
C VAL B 220 -19.25 -1.29 -19.36
N MET B 221 -17.94 -1.22 -19.60
CA MET B 221 -17.06 -2.33 -19.24
C MET B 221 -16.93 -2.51 -17.73
N TRP B 222 -16.76 -1.40 -17.01
CA TRP B 222 -16.61 -1.44 -15.55
C TRP B 222 -17.85 -1.99 -14.85
N LEU B 223 -19.03 -1.75 -15.41
CA LEU B 223 -20.27 -2.26 -14.83
C LEU B 223 -20.28 -3.78 -14.89
N GLY B 224 -19.53 -4.31 -15.84
CA GLY B 224 -19.46 -5.75 -16.03
C GLY B 224 -18.77 -6.52 -14.92
N TYR B 225 -17.78 -5.92 -14.27
CA TYR B 225 -17.06 -6.63 -13.21
C TYR B 225 -17.95 -7.03 -12.02
N PRO B 226 -18.75 -6.09 -11.47
CA PRO B 226 -19.61 -6.46 -10.34
C PRO B 226 -20.68 -7.48 -10.72
N ILE B 227 -20.97 -7.56 -12.02
CA ILE B 227 -21.96 -8.51 -12.53
C ILE B 227 -21.33 -9.89 -12.54
N VAL B 228 -20.13 -9.97 -13.10
CA VAL B 228 -19.38 -11.21 -13.18
C VAL B 228 -19.11 -11.74 -11.78
N TRP B 229 -18.74 -10.85 -10.87
CA TRP B 229 -18.46 -11.23 -9.50
C TRP B 229 -19.69 -11.89 -8.87
N ALA B 230 -20.85 -11.24 -9.03
CA ALA B 230 -22.10 -11.75 -8.47
C ALA B 230 -22.59 -13.06 -9.07
N LEU B 231 -22.23 -13.32 -10.33
CA LEU B 231 -22.66 -14.55 -10.99
C LEU B 231 -21.68 -15.70 -10.83
N GLY B 232 -20.41 -15.39 -10.55
CA GLY B 232 -19.41 -16.43 -10.38
C GLY B 232 -19.43 -17.09 -9.02
N VAL B 233 -18.46 -17.96 -8.78
CA VAL B 233 -18.34 -18.70 -7.53
C VAL B 233 -18.34 -17.85 -6.26
N GLU B 234 -17.88 -16.61 -6.38
CA GLU B 234 -17.83 -15.71 -5.23
C GLU B 234 -19.22 -15.20 -4.88
N GLY B 235 -20.10 -15.19 -5.89
CA GLY B 235 -21.46 -14.71 -5.69
C GLY B 235 -22.49 -15.82 -5.64
N VAL B 236 -23.38 -15.86 -6.63
CA VAL B 236 -24.46 -16.86 -6.69
C VAL B 236 -23.96 -18.19 -7.25
N ALA B 237 -22.74 -18.21 -7.73
CA ALA B 237 -22.11 -19.42 -8.26
C ALA B 237 -22.85 -20.11 -9.41
N VAL B 238 -23.30 -19.33 -10.39
CA VAL B 238 -23.97 -19.91 -11.54
C VAL B 238 -22.96 -20.14 -12.66
N LEU B 239 -21.84 -19.43 -12.60
CA LEU B 239 -20.79 -19.56 -13.59
C LEU B 239 -19.55 -20.26 -13.03
N PRO B 240 -18.98 -21.20 -13.80
CA PRO B 240 -17.78 -21.94 -13.37
C PRO B 240 -16.59 -20.99 -13.26
N VAL B 241 -15.56 -21.40 -12.55
CA VAL B 241 -14.37 -20.57 -12.38
C VAL B 241 -13.74 -20.23 -13.74
N GLY B 242 -13.73 -21.18 -14.66
CA GLY B 242 -13.15 -20.94 -15.97
C GLY B 242 -13.90 -19.91 -16.78
N TYR B 243 -15.21 -19.83 -16.57
CA TYR B 243 -16.06 -18.88 -17.28
C TYR B 243 -15.91 -17.47 -16.72
N THR B 244 -15.97 -17.36 -15.40
CA THR B 244 -15.84 -16.07 -14.73
C THR B 244 -14.49 -15.42 -15.07
N SER B 245 -13.44 -16.25 -15.07
CA SER B 245 -12.10 -15.77 -15.39
C SER B 245 -12.03 -15.19 -16.81
N TRP B 246 -12.57 -15.93 -17.79
CA TRP B 246 -12.56 -15.46 -19.17
C TRP B 246 -13.38 -14.19 -19.35
N ALA B 247 -14.42 -14.05 -18.53
CA ALA B 247 -15.28 -12.87 -18.59
C ALA B 247 -14.47 -11.65 -18.13
N TYR B 248 -13.69 -11.82 -17.06
CA TYR B 248 -12.86 -10.73 -16.54
C TYR B 248 -11.75 -10.40 -17.53
N SER B 249 -11.12 -11.43 -18.08
CA SER B 249 -10.05 -11.23 -19.04
C SER B 249 -10.56 -10.49 -20.28
N ALA B 250 -11.77 -10.85 -20.70
CA ALA B 250 -12.38 -10.21 -21.87
C ALA B 250 -12.62 -8.73 -21.53
N LEU B 251 -13.17 -8.49 -20.35
CA LEU B 251 -13.42 -7.13 -19.91
C LEU B 251 -12.10 -6.37 -19.86
N ASP B 252 -11.07 -7.01 -19.32
CA ASP B 252 -9.75 -6.37 -19.21
C ASP B 252 -9.19 -6.02 -20.59
N ILE B 253 -9.38 -6.91 -21.56
CA ILE B 253 -8.87 -6.64 -22.90
C ILE B 253 -9.45 -5.34 -23.46
N VAL B 254 -10.69 -5.04 -23.10
CA VAL B 254 -11.32 -3.82 -23.56
C VAL B 254 -11.10 -2.64 -22.61
N ALA B 255 -11.38 -2.86 -21.33
CA ALA B 255 -11.25 -1.82 -20.33
C ALA B 255 -9.80 -1.35 -20.12
N LYS B 256 -8.84 -2.20 -20.44
CA LYS B 256 -7.44 -1.85 -20.27
C LYS B 256 -6.66 -1.67 -21.57
N TYR B 257 -6.51 -2.75 -22.33
CA TYR B 257 -5.72 -2.70 -23.54
C TYR B 257 -6.30 -1.85 -24.68
N ILE B 258 -7.46 -2.20 -25.22
CA ILE B 258 -8.00 -1.37 -26.31
C ILE B 258 -8.27 0.05 -25.80
N PHE B 259 -8.71 0.17 -24.56
CA PHE B 259 -8.95 1.49 -23.95
C PHE B 259 -7.66 2.32 -23.98
N ALA B 260 -6.54 1.65 -23.69
CA ALA B 260 -5.25 2.33 -23.69
C ALA B 260 -4.77 2.62 -25.10
N PHE B 261 -5.08 1.73 -26.04
CA PHE B 261 -4.66 1.96 -27.41
C PHE B 261 -5.34 3.21 -27.96
N LEU B 262 -6.66 3.27 -27.77
CA LEU B 262 -7.46 4.40 -28.24
C LEU B 262 -7.03 5.71 -27.62
N LEU B 263 -6.74 5.69 -26.32
CA LEU B 263 -6.31 6.92 -25.63
C LEU B 263 -4.96 7.39 -26.17
N LEU B 264 -4.01 6.47 -26.29
CA LEU B 264 -2.68 6.81 -26.77
C LEU B 264 -2.67 7.17 -28.27
N ASN B 265 -3.53 6.53 -29.04
CA ASN B 265 -3.62 6.82 -30.48
C ASN B 265 -4.07 8.28 -30.63
N TYR B 266 -5.00 8.68 -29.78
CA TYR B 266 -5.49 10.04 -29.77
C TYR B 266 -4.40 10.99 -29.31
N LEU B 267 -3.81 10.65 -28.16
CA LEU B 267 -2.75 11.46 -27.56
C LEU B 267 -1.62 11.79 -28.53
N THR B 268 -1.18 10.78 -29.27
CA THR B 268 -0.08 10.99 -30.22
C THR B 268 -0.49 11.86 -31.40
N SER B 269 -1.81 12.01 -31.61
CA SER B 269 -2.32 12.84 -32.71
C SER B 269 -2.76 14.21 -32.22
N ASN B 270 -2.93 14.36 -30.91
CA ASN B 270 -3.38 15.62 -30.35
C ASN B 270 -2.55 16.06 -29.16
N GLU B 271 -1.24 15.83 -29.25
CA GLU B 271 -0.32 16.21 -28.18
C GLU B 271 -0.47 17.68 -27.82
N GLY B 272 -0.70 18.52 -28.83
CA GLY B 272 -0.84 19.94 -28.60
C GLY B 272 -2.07 20.34 -27.81
N VAL B 273 -3.20 19.66 -28.05
CA VAL B 273 -4.42 20.01 -27.34
C VAL B 273 -4.33 19.66 -25.86
N VAL B 274 -3.65 18.56 -25.53
CA VAL B 274 -3.53 18.14 -24.14
C VAL B 274 -2.43 18.90 -23.40
N SER B 275 -1.54 19.55 -24.15
CA SER B 275 -0.45 20.31 -23.56
C SER B 275 -0.95 21.46 -22.70
N GLY B 276 -1.93 22.19 -23.23
CA GLY B 276 -2.49 23.32 -22.51
C GLY B 276 -2.20 24.64 -23.21
N GLU C 18 -4.59 -22.05 12.93
CA GLU C 18 -5.59 -23.00 12.35
C GLU C 18 -7.01 -22.55 12.73
N VAL C 19 -7.10 -21.42 13.41
CA VAL C 19 -8.39 -20.88 13.82
C VAL C 19 -9.07 -20.33 12.56
N THR C 20 -10.37 -20.52 12.46
CA THR C 20 -11.11 -20.05 11.28
C THR C 20 -11.71 -18.67 11.47
N GLN C 21 -12.03 -18.02 10.36
CA GLN C 21 -12.62 -16.70 10.39
C GLN C 21 -13.97 -16.81 11.08
N ARG C 22 -14.70 -17.88 10.77
CA ARG C 22 -16.00 -18.15 11.36
C ARG C 22 -15.88 -18.17 12.88
N GLU C 23 -14.90 -18.92 13.39
CA GLU C 23 -14.70 -19.02 14.83
C GLU C 23 -14.43 -17.66 15.48
N LEU C 24 -13.69 -16.80 14.80
CA LEU C 24 -13.38 -15.47 15.31
C LEU C 24 -14.64 -14.61 15.28
N PHE C 25 -15.44 -14.78 14.23
CA PHE C 25 -16.68 -14.04 14.07
C PHE C 25 -17.62 -14.32 15.24
N GLU C 26 -17.89 -15.59 15.52
CA GLU C 26 -18.77 -15.92 16.63
C GLU C 26 -18.10 -15.61 17.97
N PHE C 27 -16.78 -15.51 17.99
CA PHE C 27 -16.08 -15.18 19.22
C PHE C 27 -16.47 -13.76 19.60
N VAL C 28 -16.54 -12.89 18.59
CA VAL C 28 -16.94 -11.50 18.82
C VAL C 28 -18.34 -11.54 19.44
N LEU C 29 -19.16 -12.46 18.96
CA LEU C 29 -20.51 -12.64 19.50
C LEU C 29 -20.30 -13.35 20.82
N ASN C 30 -21.34 -13.46 21.64
CA ASN C 30 -21.23 -14.12 22.94
C ASN C 30 -20.39 -13.24 23.87
N ASP C 31 -19.82 -12.17 23.32
CA ASP C 31 -19.01 -11.24 24.09
C ASP C 31 -19.57 -9.83 23.87
N PRO C 32 -20.59 -9.45 24.66
CA PRO C 32 -21.29 -8.16 24.63
C PRO C 32 -20.42 -6.91 24.49
N LEU C 33 -19.43 -6.78 25.36
CA LEU C 33 -18.53 -5.63 25.32
C LEU C 33 -17.81 -5.49 23.99
N LEU C 34 -17.20 -6.58 23.55
CA LEU C 34 -16.44 -6.59 22.31
C LEU C 34 -17.34 -6.37 21.09
N ALA C 35 -18.43 -7.12 21.03
CA ALA C 35 -19.36 -7.02 19.91
C ALA C 35 -19.99 -5.64 19.78
N SER C 36 -20.46 -5.08 20.90
CA SER C 36 -21.09 -3.77 20.86
C SER C 36 -20.14 -2.65 20.44
N SER C 37 -18.89 -2.71 20.91
CA SER C 37 -17.91 -1.68 20.56
C SER C 37 -17.63 -1.64 19.06
N LEU C 38 -17.87 -2.75 18.39
CA LEU C 38 -17.63 -2.87 16.95
C LEU C 38 -18.84 -2.50 16.09
N TYR C 39 -19.94 -3.21 16.28
CA TYR C 39 -21.14 -2.92 15.50
C TYR C 39 -21.66 -1.50 15.70
N ILE C 40 -21.48 -0.94 16.91
CA ILE C 40 -21.95 0.41 17.15
C ILE C 40 -21.26 1.43 16.25
N ASN C 41 -19.97 1.22 15.97
CA ASN C 41 -19.25 2.16 15.11
C ASN C 41 -19.47 1.91 13.62
N ILE C 42 -19.95 0.73 13.26
CA ILE C 42 -20.25 0.44 11.87
C ILE C 42 -21.44 1.33 11.52
N ALA C 43 -22.38 1.39 12.46
CA ALA C 43 -23.59 2.20 12.31
C ALA C 43 -23.30 3.69 12.43
N LEU C 44 -22.56 4.08 13.45
CA LEU C 44 -22.23 5.49 13.65
C LEU C 44 -21.40 6.07 12.49
N ALA C 45 -20.51 5.25 11.94
CA ALA C 45 -19.69 5.68 10.82
C ALA C 45 -20.55 5.83 9.57
N GLY C 46 -21.50 4.92 9.39
CA GLY C 46 -22.39 4.99 8.25
C GLY C 46 -23.28 6.22 8.36
N LEU C 47 -23.78 6.46 9.57
CA LEU C 47 -24.65 7.60 9.82
C LEU C 47 -23.86 8.90 9.63
N SER C 48 -22.58 8.88 10.00
CA SER C 48 -21.73 10.06 9.84
C SER C 48 -21.58 10.40 8.37
N ILE C 49 -21.31 9.38 7.57
CA ILE C 49 -21.14 9.56 6.14
C ILE C 49 -22.38 10.21 5.53
N LEU C 50 -23.55 9.70 5.88
CA LEU C 50 -24.81 10.24 5.38
C LEU C 50 -24.99 11.70 5.76
N LEU C 51 -24.79 12.00 7.04
CA LEU C 51 -24.92 13.36 7.54
C LEU C 51 -23.95 14.32 6.85
N PHE C 52 -22.68 13.93 6.76
CA PHE C 52 -21.66 14.78 6.14
C PHE C 52 -21.94 15.11 4.67
N VAL C 53 -22.41 14.12 3.92
CA VAL C 53 -22.70 14.30 2.51
C VAL C 53 -23.79 15.35 2.30
N PHE C 54 -24.80 15.36 3.17
CA PHE C 54 -25.88 16.32 3.06
C PHE C 54 -25.44 17.69 3.57
N MET C 55 -24.54 17.70 4.54
CA MET C 55 -24.02 18.95 5.11
C MET C 55 -23.14 19.71 4.11
N THR C 56 -22.50 18.97 3.21
CA THR C 56 -21.58 19.56 2.25
C THR C 56 -22.08 19.68 0.82
N ARG C 57 -23.39 19.51 0.62
CA ARG C 57 -23.98 19.59 -0.72
C ARG C 57 -23.94 21.00 -1.30
N GLY C 58 -23.79 22.00 -0.44
CA GLY C 58 -23.77 23.37 -0.90
C GLY C 58 -22.44 23.90 -1.41
N LEU C 59 -21.35 23.26 -1.01
CA LEU C 59 -20.00 23.68 -1.41
C LEU C 59 -19.78 23.70 -2.92
N ASP C 60 -19.12 24.74 -3.41
CA ASP C 60 -18.81 24.86 -4.84
C ASP C 60 -17.32 25.09 -5.11
N ASP C 61 -16.61 25.63 -4.13
CA ASP C 61 -15.19 25.89 -4.30
C ASP C 61 -14.37 24.59 -4.27
N PRO C 62 -13.58 24.35 -5.32
CA PRO C 62 -12.76 23.13 -5.40
C PRO C 62 -11.86 22.89 -4.18
N ARG C 63 -11.29 23.95 -3.62
CA ARG C 63 -10.43 23.75 -2.45
C ARG C 63 -11.28 23.39 -1.23
N ALA C 64 -12.44 24.04 -1.11
CA ALA C 64 -13.34 23.75 0.01
C ALA C 64 -13.82 22.30 -0.09
N LYS C 65 -14.04 21.83 -1.33
CA LYS C 65 -14.50 20.47 -1.56
C LYS C 65 -13.41 19.41 -1.40
N LEU C 66 -12.15 19.82 -1.49
CA LEU C 66 -11.05 18.88 -1.32
C LEU C 66 -11.01 18.58 0.18
N ILE C 67 -11.15 19.62 0.98
CA ILE C 67 -11.15 19.48 2.42
C ILE C 67 -12.33 18.62 2.87
N ALA C 68 -13.48 18.84 2.25
CA ALA C 68 -14.67 18.08 2.59
C ALA C 68 -14.53 16.59 2.27
N VAL C 69 -13.99 16.27 1.09
CA VAL C 69 -13.84 14.86 0.71
C VAL C 69 -12.83 14.11 1.58
N SER C 70 -11.71 14.74 1.89
CA SER C 70 -10.70 14.10 2.73
C SER C 70 -11.29 13.87 4.11
N THR C 71 -12.16 14.77 4.56
CA THR C 71 -12.78 14.64 5.87
C THR C 71 -13.79 13.51 5.87
N ILE C 72 -14.54 13.39 4.77
CA ILE C 72 -15.56 12.37 4.62
C ILE C 72 -14.93 10.97 4.50
N LEU C 73 -13.73 10.92 3.95
CA LEU C 73 -13.02 9.65 3.79
C LEU C 73 -12.67 9.00 5.13
N VAL C 74 -12.55 9.80 6.19
CA VAL C 74 -12.23 9.26 7.50
C VAL C 74 -13.28 8.24 7.92
N PRO C 75 -14.57 8.64 7.95
CA PRO C 75 -15.60 7.66 8.35
C PRO C 75 -15.81 6.57 7.30
N VAL C 76 -15.37 6.81 6.06
CA VAL C 76 -15.51 5.78 5.03
C VAL C 76 -14.50 4.67 5.36
N VAL C 77 -13.29 5.06 5.74
CA VAL C 77 -12.27 4.07 6.10
C VAL C 77 -12.73 3.36 7.37
N SER C 78 -13.40 4.10 8.25
CA SER C 78 -13.87 3.55 9.52
C SER C 78 -14.94 2.44 9.41
N ILE C 79 -15.96 2.61 8.56
CA ILE C 79 -16.98 1.56 8.43
C ILE C 79 -16.34 0.28 7.93
N ALA C 80 -15.42 0.42 6.99
CA ALA C 80 -14.73 -0.73 6.42
C ALA C 80 -13.84 -1.41 7.46
N SER C 81 -13.19 -0.60 8.29
CA SER C 81 -12.30 -1.10 9.34
C SER C 81 -13.07 -1.89 10.41
N TYR C 82 -14.19 -1.34 10.86
CA TYR C 82 -15.00 -2.01 11.87
C TYR C 82 -15.69 -3.23 11.29
N THR C 83 -15.95 -3.21 9.98
CA THR C 83 -16.57 -4.34 9.32
C THR C 83 -15.53 -5.46 9.22
N GLY C 84 -14.28 -5.08 8.97
CA GLY C 84 -13.22 -6.06 8.88
C GLY C 84 -13.01 -6.74 10.22
N LEU C 85 -13.16 -5.95 11.29
CA LEU C 85 -13.00 -6.47 12.65
C LEU C 85 -14.18 -7.34 13.05
N ALA C 86 -15.39 -6.80 12.91
CA ALA C 86 -16.60 -7.53 13.27
C ALA C 86 -16.75 -8.84 12.50
N SER C 87 -16.33 -8.84 11.25
CA SER C 87 -16.43 -10.03 10.40
C SER C 87 -15.37 -11.08 10.72
N GLY C 88 -14.36 -10.70 11.50
CA GLY C 88 -13.32 -11.65 11.84
C GLY C 88 -12.21 -11.67 10.81
N LEU C 89 -12.40 -10.92 9.73
CA LEU C 89 -11.42 -10.84 8.66
C LEU C 89 -10.08 -10.27 9.13
N THR C 90 -10.12 -9.20 9.91
CA THR C 90 -8.88 -8.57 10.37
C THR C 90 -8.55 -8.79 11.85
N ILE C 91 -8.82 -10.00 12.31
CA ILE C 91 -8.53 -10.36 13.69
C ILE C 91 -7.81 -11.70 13.63
N SER C 92 -6.91 -11.93 14.57
CA SER C 92 -6.18 -13.18 14.61
C SER C 92 -5.87 -13.52 16.06
N VAL C 93 -5.48 -14.76 16.29
CA VAL C 93 -5.10 -15.16 17.63
C VAL C 93 -3.60 -15.41 17.56
N LEU C 94 -2.84 -14.66 18.33
CA LEU C 94 -1.40 -14.80 18.35
C LEU C 94 -0.91 -15.20 19.73
N GLU C 95 0.21 -15.93 19.76
CA GLU C 95 0.80 -16.37 21.01
C GLU C 95 1.91 -15.39 21.38
N MET C 96 1.77 -14.76 22.54
CA MET C 96 2.76 -13.79 22.99
C MET C 96 4.07 -14.43 23.46
N PRO C 97 5.19 -13.73 23.28
CA PRO C 97 6.53 -14.21 23.67
C PRO C 97 6.78 -14.29 25.17
N ALA C 98 7.76 -15.13 25.55
CA ALA C 98 8.13 -15.32 26.94
C ALA C 98 8.35 -13.98 27.63
N GLY C 99 7.83 -13.85 28.84
CA GLY C 99 8.01 -12.63 29.59
C GLY C 99 6.86 -11.65 29.38
N HIS C 100 6.11 -11.83 28.31
CA HIS C 100 4.99 -10.94 28.04
C HIS C 100 3.85 -11.30 28.99
N PHE C 101 3.24 -10.27 29.59
CA PHE C 101 2.15 -10.47 30.53
C PHE C 101 0.97 -11.25 29.97
N ALA C 102 0.78 -11.20 28.66
CA ALA C 102 -0.31 -11.92 28.03
C ALA C 102 0.12 -13.33 27.61
N GLU C 103 1.41 -13.61 27.68
CA GLU C 103 1.91 -14.94 27.34
C GLU C 103 1.28 -15.94 28.31
N GLY C 104 0.87 -17.09 27.79
CA GLY C 104 0.26 -18.10 28.66
C GLY C 104 -1.25 -18.05 28.67
N SER C 105 -1.82 -17.01 28.06
CA SER C 105 -3.27 -16.87 28.01
C SER C 105 -3.88 -17.78 26.95
N SER C 106 -5.17 -18.05 27.11
CA SER C 106 -5.92 -18.88 26.16
C SER C 106 -7.18 -18.12 25.80
N VAL C 107 -7.91 -18.60 24.80
CA VAL C 107 -9.13 -17.92 24.38
C VAL C 107 -10.31 -18.85 24.17
N MET C 108 -10.09 -19.98 23.52
CA MET C 108 -11.16 -20.94 23.26
C MET C 108 -12.20 -20.32 22.33
N LEU C 109 -12.16 -20.71 21.06
CA LEU C 109 -13.08 -20.20 20.06
C LEU C 109 -14.42 -20.94 20.05
N GLY C 110 -14.68 -21.69 21.12
CA GLY C 110 -15.92 -22.43 21.21
C GLY C 110 -15.85 -23.51 22.28
N GLY C 111 -15.46 -24.72 21.88
CA GLY C 111 -15.36 -25.82 22.81
C GLY C 111 -13.94 -26.33 22.88
N GLU C 112 -13.13 -25.94 21.90
CA GLU C 112 -11.73 -26.34 21.83
C GLU C 112 -10.88 -25.10 22.11
N GLU C 113 -10.33 -25.03 23.31
CA GLU C 113 -9.50 -23.90 23.72
C GLU C 113 -8.12 -23.90 23.07
N VAL C 114 -7.67 -22.72 22.65
CA VAL C 114 -6.38 -22.58 22.01
C VAL C 114 -5.54 -21.50 22.69
N ASP C 115 -4.22 -21.68 22.67
CA ASP C 115 -3.31 -20.72 23.30
C ASP C 115 -3.19 -19.43 22.49
N GLY C 116 -2.92 -18.34 23.19
CA GLY C 116 -2.76 -17.06 22.53
C GLY C 116 -3.76 -16.00 22.97
N VAL C 117 -3.74 -14.87 22.25
CA VAL C 117 -4.62 -13.75 22.54
C VAL C 117 -5.26 -13.26 21.24
N VAL C 118 -6.45 -12.69 21.36
CA VAL C 118 -7.15 -12.17 20.19
C VAL C 118 -6.55 -10.81 19.83
N THR C 119 -5.91 -10.75 18.67
CA THR C 119 -5.27 -9.52 18.20
C THR C 119 -6.12 -8.81 17.16
N MET C 120 -6.59 -7.61 17.50
CA MET C 120 -7.40 -6.84 16.57
C MET C 120 -6.51 -5.91 15.77
N TRP C 121 -5.59 -6.50 15.02
CA TRP C 121 -4.66 -5.75 14.20
C TRP C 121 -5.38 -4.95 13.12
N GLY C 122 -6.62 -5.34 12.84
CA GLY C 122 -7.41 -4.63 11.86
C GLY C 122 -7.49 -3.15 12.16
N ARG C 123 -7.44 -2.79 13.43
CA ARG C 123 -7.47 -1.39 13.84
C ARG C 123 -6.19 -0.68 13.41
N TYR C 124 -5.05 -1.25 13.78
CA TYR C 124 -3.74 -0.67 13.46
C TYR C 124 -3.53 -0.52 11.96
N LEU C 125 -4.04 -1.49 11.21
CA LEU C 125 -3.91 -1.47 9.76
C LEU C 125 -4.65 -0.32 9.10
N THR C 126 -5.94 -0.16 9.42
CA THR C 126 -6.72 0.90 8.81
C THR C 126 -6.33 2.30 9.26
N TRP C 127 -5.68 2.42 10.41
CA TRP C 127 -5.25 3.74 10.90
C TRP C 127 -4.29 4.39 9.90
N ALA C 128 -3.52 3.54 9.21
CA ALA C 128 -2.56 4.02 8.21
C ALA C 128 -3.26 4.67 7.02
N LEU C 129 -4.57 4.47 6.92
CA LEU C 129 -5.38 5.04 5.84
C LEU C 129 -6.25 6.20 6.33
N SER C 130 -6.83 6.05 7.53
CA SER C 130 -7.71 7.08 8.07
C SER C 130 -6.96 8.28 8.66
N THR C 131 -5.93 8.04 9.45
CA THR C 131 -5.19 9.15 10.05
C THR C 131 -4.56 10.09 9.01
N PRO C 132 -4.08 9.55 7.88
CA PRO C 132 -3.49 10.46 6.89
C PRO C 132 -4.54 11.42 6.31
N MET C 133 -5.80 10.99 6.29
CA MET C 133 -6.89 11.80 5.77
C MET C 133 -7.29 12.87 6.78
N ILE C 134 -7.21 12.54 8.06
CA ILE C 134 -7.52 13.51 9.10
C ILE C 134 -6.47 14.62 8.97
N LEU C 135 -5.21 14.20 8.84
CA LEU C 135 -4.09 15.12 8.73
C LEU C 135 -4.15 15.96 7.46
N LEU C 136 -4.66 15.37 6.38
CA LEU C 136 -4.77 16.08 5.11
C LEU C 136 -5.78 17.21 5.27
N ALA C 137 -6.90 16.90 5.90
CA ALA C 137 -7.96 17.89 6.13
C ALA C 137 -7.45 19.02 7.03
N LEU C 138 -6.78 18.65 8.11
CA LEU C 138 -6.24 19.63 9.04
C LEU C 138 -5.18 20.52 8.41
N GLY C 139 -4.25 19.92 7.67
CA GLY C 139 -3.21 20.67 7.02
C GLY C 139 -3.75 21.66 6.01
N LEU C 140 -4.69 21.21 5.18
CA LEU C 140 -5.31 22.08 4.18
C LEU C 140 -6.02 23.23 4.88
N LEU C 141 -6.73 22.91 5.95
CA LEU C 141 -7.45 23.91 6.72
C LEU C 141 -6.47 24.96 7.25
N ALA C 142 -5.29 24.52 7.68
CA ALA C 142 -4.27 25.40 8.22
C ALA C 142 -3.48 26.15 7.16
N GLY C 143 -3.75 25.88 5.89
CA GLY C 143 -3.01 26.54 4.84
C GLY C 143 -1.56 26.07 4.77
N SER C 144 -1.35 24.81 5.12
CA SER C 144 0.00 24.20 5.11
C SER C 144 0.62 24.17 3.71
N ASN C 145 1.94 24.24 3.64
CA ASN C 145 2.59 24.14 2.34
C ASN C 145 2.75 22.63 2.08
N ALA C 146 3.24 22.25 0.91
CA ALA C 146 3.38 20.82 0.58
C ALA C 146 4.39 20.06 1.44
N THR C 147 5.51 20.70 1.76
CA THR C 147 6.55 20.06 2.56
C THR C 147 6.02 19.55 3.91
N LYS C 148 5.28 20.40 4.62
CA LYS C 148 4.74 20.02 5.93
C LYS C 148 3.68 18.93 5.80
N LEU C 149 2.86 19.01 4.76
CA LEU C 149 1.82 18.02 4.53
C LEU C 149 2.49 16.65 4.28
N PHE C 150 3.52 16.66 3.45
CA PHE C 150 4.26 15.45 3.15
C PHE C 150 4.89 14.86 4.40
N THR C 151 5.53 15.72 5.20
CA THR C 151 6.17 15.28 6.43
C THR C 151 5.18 14.66 7.42
N ALA C 152 4.10 15.37 7.71
CA ALA C 152 3.09 14.86 8.64
C ALA C 152 2.51 13.52 8.21
N ILE C 153 2.14 13.42 6.93
CA ILE C 153 1.54 12.21 6.39
C ILE C 153 2.48 10.99 6.34
N THR C 154 3.73 11.19 5.92
CA THR C 154 4.68 10.08 5.85
C THR C 154 5.03 9.54 7.24
N PHE C 155 5.26 10.44 8.20
CA PHE C 155 5.59 9.99 9.53
C PHE C 155 4.39 9.43 10.27
N ASP C 156 3.19 9.85 9.87
CA ASP C 156 1.97 9.32 10.47
C ASP C 156 1.79 7.87 10.00
N ILE C 157 2.03 7.64 8.72
CA ILE C 157 1.90 6.29 8.16
C ILE C 157 2.92 5.37 8.81
N ALA C 158 4.15 5.89 8.98
CA ALA C 158 5.23 5.12 9.58
C ALA C 158 4.85 4.77 11.02
N MET C 159 4.21 5.70 11.70
CA MET C 159 3.76 5.50 13.07
C MET C 159 2.77 4.34 13.12
N CYS C 160 1.80 4.34 12.22
CA CYS C 160 0.78 3.30 12.18
C CYS C 160 1.34 1.93 11.77
N VAL C 161 2.18 1.91 10.75
CA VAL C 161 2.74 0.64 10.29
C VAL C 161 3.67 -0.02 11.31
N THR C 162 4.42 0.77 12.07
CA THR C 162 5.31 0.19 13.07
C THR C 162 4.50 -0.25 14.30
N GLY C 163 3.33 0.37 14.48
CA GLY C 163 2.45 0.00 15.57
C GLY C 163 1.83 -1.33 15.20
N LEU C 164 1.49 -1.49 13.92
CA LEU C 164 0.93 -2.75 13.45
C LEU C 164 2.01 -3.83 13.60
N ALA C 165 3.26 -3.48 13.28
CA ALA C 165 4.37 -4.44 13.40
C ALA C 165 4.59 -4.86 14.86
N ALA C 166 4.47 -3.90 15.77
CA ALA C 166 4.64 -4.22 17.18
C ALA C 166 3.61 -5.29 17.57
N ALA C 167 2.37 -5.08 17.18
CA ALA C 167 1.30 -6.02 17.51
C ALA C 167 1.45 -7.42 16.90
N LEU C 168 2.00 -7.49 15.69
CA LEU C 168 2.16 -8.79 15.03
C LEU C 168 3.44 -9.53 15.38
N THR C 169 4.33 -8.89 16.13
CA THR C 169 5.60 -9.51 16.52
C THR C 169 5.37 -10.41 17.73
N THR C 170 5.62 -11.70 17.56
CA THR C 170 5.41 -12.68 18.62
C THR C 170 6.70 -13.37 19.04
N SER C 171 7.81 -13.02 18.38
CA SER C 171 9.10 -13.64 18.66
C SER C 171 9.84 -13.18 19.91
N SER C 172 9.75 -11.89 20.21
CA SER C 172 10.49 -11.34 21.34
C SER C 172 9.76 -10.19 22.01
N HIS C 173 9.69 -10.25 23.33
CA HIS C 173 9.01 -9.22 24.10
C HIS C 173 9.72 -7.88 23.89
N LEU C 174 11.05 -7.92 23.87
CA LEU C 174 11.84 -6.71 23.67
C LEU C 174 11.59 -6.08 22.29
N MET C 175 11.52 -6.92 21.25
CA MET C 175 11.28 -6.40 19.90
C MET C 175 9.94 -5.66 19.86
N ARG C 176 8.92 -6.25 20.47
CA ARG C 176 7.59 -5.63 20.50
C ARG C 176 7.68 -4.19 21.01
N TRP C 177 8.42 -3.98 22.10
CA TRP C 177 8.54 -2.65 22.68
C TRP C 177 9.47 -1.72 21.90
N PHE C 178 10.42 -2.29 21.18
CA PHE C 178 11.32 -1.47 20.37
C PHE C 178 10.47 -0.87 19.25
N TRP C 179 9.59 -1.70 18.65
CA TRP C 179 8.68 -1.24 17.59
C TRP C 179 7.82 -0.09 18.13
N TYR C 180 7.32 -0.28 19.35
CA TYR C 180 6.47 0.69 20.02
C TYR C 180 7.20 2.03 20.18
N ALA C 181 8.50 1.96 20.42
CA ALA C 181 9.32 3.15 20.60
C ALA C 181 9.50 3.91 19.28
N ILE C 182 9.74 3.16 18.21
CA ILE C 182 9.90 3.76 16.89
C ILE C 182 8.60 4.48 16.51
N SER C 183 7.47 3.83 16.76
CA SER C 183 6.17 4.41 16.48
C SER C 183 5.98 5.73 17.24
N CYS C 184 6.43 5.75 18.50
CA CYS C 184 6.33 6.95 19.33
C CYS C 184 7.15 8.12 18.79
N ALA C 185 8.31 7.81 18.21
CA ALA C 185 9.17 8.84 17.65
C ALA C 185 8.52 9.44 16.40
N CYS C 186 7.80 8.63 15.63
CA CYS C 186 7.13 9.16 14.44
C CYS C 186 5.97 10.05 14.89
N PHE C 187 5.31 9.63 15.97
CA PHE C 187 4.18 10.36 16.56
C PHE C 187 4.61 11.77 17.01
N ILE C 188 5.79 11.88 17.62
CA ILE C 188 6.27 13.18 18.06
C ILE C 188 6.41 14.13 16.87
N VAL C 189 6.80 13.59 15.71
CA VAL C 189 6.94 14.40 14.51
C VAL C 189 5.58 14.98 14.14
N VAL C 190 4.57 14.13 14.13
CA VAL C 190 3.22 14.56 13.81
C VAL C 190 2.74 15.60 14.82
N LEU C 191 2.90 15.30 16.11
CA LEU C 191 2.47 16.21 17.15
C LEU C 191 3.15 17.56 16.99
N TYR C 192 4.43 17.53 16.61
CA TYR C 192 5.18 18.75 16.42
C TYR C 192 4.59 19.64 15.32
N ILE C 193 4.23 19.04 14.18
CA ILE C 193 3.66 19.84 13.10
C ILE C 193 2.28 20.40 13.47
N LEU C 194 1.52 19.64 14.26
CA LEU C 194 0.18 20.04 14.70
C LEU C 194 0.23 21.25 15.65
N LEU C 195 0.97 21.08 16.74
CA LEU C 195 1.11 22.09 17.78
C LEU C 195 2.00 23.29 17.46
N VAL C 196 3.02 23.08 16.63
CA VAL C 196 3.95 24.16 16.31
C VAL C 196 3.83 24.80 14.94
N GLU C 197 3.83 23.96 13.89
CA GLU C 197 3.77 24.46 12.52
C GLU C 197 2.42 24.90 11.97
N TRP C 198 1.45 23.99 11.97
CA TRP C 198 0.15 24.34 11.43
C TRP C 198 -0.58 25.37 12.29
N ALA C 199 -0.27 25.37 13.59
CA ALA C 199 -0.88 26.33 14.51
C ALA C 199 -0.47 27.74 14.06
N GLN C 200 0.73 27.84 13.49
CA GLN C 200 1.23 29.12 13.01
C GLN C 200 0.69 29.42 11.62
N ASP C 201 0.64 28.39 10.78
CA ASP C 201 0.13 28.51 9.42
C ASP C 201 -1.34 28.90 9.38
N ALA C 202 -2.12 28.38 10.33
CA ALA C 202 -3.55 28.66 10.39
C ALA C 202 -3.82 30.17 10.50
N LYS C 203 -2.89 30.90 11.10
CA LYS C 203 -3.05 32.35 11.25
C LYS C 203 -3.02 33.00 9.88
N ALA C 204 -2.08 32.57 9.04
CA ALA C 204 -1.96 33.12 7.69
C ALA C 204 -3.19 32.76 6.86
N ALA C 205 -3.81 31.63 7.20
CA ALA C 205 -4.99 31.16 6.47
C ALA C 205 -6.30 31.70 7.02
N GLY C 206 -6.24 32.39 8.15
CA GLY C 206 -7.45 32.94 8.75
C GLY C 206 -8.35 31.86 9.31
N THR C 207 -7.74 30.77 9.76
CA THR C 207 -8.47 29.63 10.31
C THR C 207 -7.96 29.24 11.69
N ALA C 208 -7.19 30.12 12.33
CA ALA C 208 -6.61 29.85 13.64
C ALA C 208 -7.64 29.41 14.67
N ASP C 209 -8.78 30.09 14.65
CA ASP C 209 -9.90 29.80 15.56
C ASP C 209 -10.31 28.34 15.53
N ILE C 210 -10.83 27.89 14.39
CA ILE C 210 -11.28 26.51 14.25
C ILE C 210 -10.13 25.52 14.32
N PHE C 211 -8.97 25.88 13.78
CA PHE C 211 -7.83 24.96 13.82
C PHE C 211 -7.43 24.69 15.25
N SER C 212 -7.43 25.74 16.07
CA SER C 212 -7.06 25.60 17.47
C SER C 212 -7.99 24.60 18.15
N THR C 213 -9.27 24.65 17.79
CA THR C 213 -10.26 23.74 18.35
C THR C 213 -9.97 22.30 17.93
N LEU C 214 -9.94 22.07 16.62
CA LEU C 214 -9.69 20.74 16.08
C LEU C 214 -8.32 20.22 16.49
N LYS C 215 -7.34 21.12 16.55
CA LYS C 215 -5.97 20.77 16.94
C LYS C 215 -5.92 20.24 18.37
N LEU C 216 -6.66 20.88 19.25
CA LEU C 216 -6.69 20.48 20.65
C LEU C 216 -7.34 19.10 20.78
N LEU C 217 -8.47 18.93 20.10
CA LEU C 217 -9.21 17.68 20.12
C LEU C 217 -8.34 16.51 19.63
N THR C 218 -7.67 16.75 18.50
CA THR C 218 -6.82 15.76 17.87
C THR C 218 -5.68 15.29 18.78
N VAL C 219 -4.83 16.22 19.19
CA VAL C 219 -3.71 15.87 20.05
C VAL C 219 -4.13 15.11 21.31
N VAL C 220 -5.19 15.57 21.97
CA VAL C 220 -5.66 14.92 23.19
C VAL C 220 -6.20 13.51 22.94
N MET C 221 -6.97 13.34 21.88
CA MET C 221 -7.54 12.04 21.56
C MET C 221 -6.48 11.05 21.06
N TRP C 222 -5.64 11.49 20.14
CA TRP C 222 -4.60 10.62 19.60
C TRP C 222 -3.68 10.11 20.72
N LEU C 223 -3.30 10.99 21.64
CA LEU C 223 -2.42 10.60 22.75
C LEU C 223 -2.98 9.41 23.52
N GLY C 224 -4.30 9.23 23.48
CA GLY C 224 -4.90 8.12 24.19
C GLY C 224 -4.69 6.75 23.58
N TYR C 225 -4.51 6.70 22.25
CA TYR C 225 -4.32 5.41 21.60
C TYR C 225 -3.12 4.62 22.10
N PRO C 226 -1.94 5.25 22.20
CA PRO C 226 -0.78 4.51 22.69
C PRO C 226 -0.91 4.08 24.15
N ILE C 227 -1.74 4.80 24.91
CA ILE C 227 -1.96 4.48 26.32
C ILE C 227 -2.80 3.21 26.42
N VAL C 228 -3.86 3.16 25.63
CA VAL C 228 -4.75 2.00 25.58
C VAL C 228 -3.97 0.77 25.16
N TRP C 229 -3.13 0.93 24.13
CA TRP C 229 -2.32 -0.16 23.61
C TRP C 229 -1.46 -0.75 24.72
N ALA C 230 -0.75 0.11 25.43
CA ALA C 230 0.15 -0.32 26.51
C ALA C 230 -0.58 -1.00 27.68
N LEU C 231 -1.84 -0.62 27.89
CA LEU C 231 -2.64 -1.18 28.97
C LEU C 231 -3.36 -2.47 28.59
N GLY C 232 -3.71 -2.59 27.31
CA GLY C 232 -4.41 -3.77 26.84
C GLY C 232 -3.55 -5.00 26.67
N VAL C 233 -4.14 -6.03 26.06
CA VAL C 233 -3.46 -7.29 25.83
C VAL C 233 -2.17 -7.19 25.01
N GLU C 234 -2.03 -6.12 24.23
CA GLU C 234 -0.83 -5.92 23.42
C GLU C 234 0.33 -5.49 24.33
N GLY C 235 0.00 -4.86 25.44
CA GLY C 235 1.02 -4.39 26.36
C GLY C 235 1.12 -5.16 27.68
N VAL C 236 0.82 -4.47 28.77
CA VAL C 236 0.88 -5.06 30.11
C VAL C 236 -0.34 -5.92 30.44
N ALA C 237 -1.33 -5.93 29.54
CA ALA C 237 -2.53 -6.72 29.69
C ALA C 237 -3.33 -6.57 30.99
N VAL C 238 -3.50 -5.33 31.45
CA VAL C 238 -4.28 -5.11 32.67
C VAL C 238 -5.73 -4.89 32.27
N LEU C 239 -5.95 -4.60 30.99
CA LEU C 239 -7.29 -4.38 30.46
C LEU C 239 -7.69 -5.46 29.48
N PRO C 240 -8.89 -6.04 29.65
CA PRO C 240 -9.38 -7.10 28.75
C PRO C 240 -9.68 -6.48 27.39
N VAL C 241 -9.65 -7.31 26.34
CA VAL C 241 -9.91 -6.83 24.99
C VAL C 241 -11.26 -6.13 24.87
N GLY C 242 -12.24 -6.61 25.63
CA GLY C 242 -13.56 -6.01 25.59
C GLY C 242 -13.52 -4.56 26.03
N TYR C 243 -12.58 -4.23 26.90
CA TYR C 243 -12.45 -2.86 27.38
C TYR C 243 -11.58 -2.02 26.45
N THR C 244 -10.46 -2.60 26.02
CA THR C 244 -9.57 -1.90 25.13
C THR C 244 -10.30 -1.56 23.83
N SER C 245 -11.11 -2.49 23.36
CA SER C 245 -11.87 -2.25 22.13
C SER C 245 -12.84 -1.09 22.31
N TRP C 246 -13.46 -1.00 23.48
CA TRP C 246 -14.41 0.09 23.72
C TRP C 246 -13.69 1.42 23.87
N ALA C 247 -12.50 1.39 24.47
CA ALA C 247 -11.72 2.61 24.65
C ALA C 247 -11.40 3.18 23.27
N TYR C 248 -10.92 2.33 22.36
CA TYR C 248 -10.59 2.78 21.01
C TYR C 248 -11.85 3.31 20.33
N SER C 249 -12.94 2.60 20.50
CA SER C 249 -14.21 2.98 19.89
C SER C 249 -14.65 4.36 20.35
N ALA C 250 -14.41 4.66 21.63
CA ALA C 250 -14.76 5.97 22.19
C ALA C 250 -13.84 7.01 21.55
N LEU C 251 -12.56 6.69 21.52
CA LEU C 251 -11.56 7.57 20.93
C LEU C 251 -11.90 7.87 19.47
N ASP C 252 -12.29 6.85 18.72
CA ASP C 252 -12.65 7.02 17.31
C ASP C 252 -13.89 7.93 17.17
N ILE C 253 -14.87 7.73 18.04
CA ILE C 253 -16.09 8.54 17.97
C ILE C 253 -15.76 10.02 18.06
N VAL C 254 -14.74 10.36 18.84
CA VAL C 254 -14.32 11.75 19.00
C VAL C 254 -13.27 12.14 17.96
N ALA C 255 -12.15 11.42 17.94
CA ALA C 255 -11.07 11.71 17.00
C ALA C 255 -11.50 11.65 15.54
N LYS C 256 -12.58 10.91 15.26
CA LYS C 256 -13.06 10.78 13.89
C LYS C 256 -14.40 11.43 13.56
N TYR C 257 -15.48 10.94 14.15
CA TYR C 257 -16.81 11.46 13.84
C TYR C 257 -17.12 12.88 14.34
N ILE C 258 -16.90 13.16 15.63
CA ILE C 258 -17.19 14.50 16.12
C ILE C 258 -16.18 15.49 15.50
N PHE C 259 -14.95 15.03 15.30
CA PHE C 259 -13.92 15.85 14.69
C PHE C 259 -14.38 16.24 13.30
N ALA C 260 -14.88 15.26 12.57
CA ALA C 260 -15.36 15.46 11.21
C ALA C 260 -16.54 16.43 11.20
N PHE C 261 -17.43 16.31 12.17
CA PHE C 261 -18.59 17.20 12.21
C PHE C 261 -18.20 18.65 12.45
N LEU C 262 -17.36 18.89 13.46
CA LEU C 262 -16.92 20.24 13.77
C LEU C 262 -16.17 20.89 12.60
N LEU C 263 -15.36 20.11 11.89
CA LEU C 263 -14.62 20.66 10.77
C LEU C 263 -15.56 21.00 9.61
N LEU C 264 -16.43 20.05 9.27
CA LEU C 264 -17.38 20.26 8.18
C LEU C 264 -18.41 21.36 8.47
N ASN C 265 -18.86 21.45 9.73
CA ASN C 265 -19.84 22.46 10.09
C ASN C 265 -19.23 23.85 9.89
N TYR C 266 -17.93 23.96 10.16
CA TYR C 266 -17.23 25.22 9.99
C TYR C 266 -17.12 25.52 8.49
N LEU C 267 -16.62 24.54 7.75
CA LEU C 267 -16.42 24.66 6.31
C LEU C 267 -17.65 25.17 5.56
N THR C 268 -18.81 24.66 5.94
CA THR C 268 -20.05 25.06 5.28
C THR C 268 -20.46 26.50 5.59
N SER C 269 -19.98 27.01 6.73
CA SER C 269 -20.28 28.39 7.14
C SER C 269 -19.17 29.35 6.75
N ASN C 270 -18.00 28.81 6.39
CA ASN C 270 -16.88 29.66 6.00
C ASN C 270 -16.16 29.16 4.75
N GLU C 271 -16.92 28.87 3.71
CA GLU C 271 -16.34 28.38 2.46
C GLU C 271 -15.42 29.42 1.80
N GLY C 272 -15.76 30.69 1.97
CA GLY C 272 -14.96 31.74 1.38
C GLY C 272 -13.58 31.87 1.99
N VAL C 273 -13.44 31.42 3.23
CA VAL C 273 -12.16 31.50 3.94
C VAL C 273 -11.15 30.50 3.38
N VAL C 274 -11.57 29.26 3.22
CA VAL C 274 -10.70 28.20 2.72
C VAL C 274 -10.57 28.16 1.20
N SER C 275 -11.36 28.97 0.52
CA SER C 275 -11.31 29.01 -0.94
C SER C 275 -10.03 29.68 -1.42
N GLY C 276 -9.58 29.31 -2.61
CA GLY C 276 -8.38 29.90 -3.17
C GLY C 276 -7.26 28.89 -3.38
C1 RET D . 15.74 -7.12 -7.44
C2 RET D . 15.33 -8.51 -8.09
C3 RET D . 14.76 -8.49 -9.43
C4 RET D . 15.52 -7.61 -10.43
C5 RET D . 15.98 -6.25 -9.89
C6 RET D . 16.10 -5.96 -8.51
C7 RET D . 16.54 -4.54 -8.11
C8 RET D . 16.64 -4.01 -6.86
C9 RET D . 17.22 -2.77 -6.45
C10 RET D . 17.15 -2.50 -5.11
C11 RET D . 17.67 -1.34 -4.45
C12 RET D . 17.54 -1.22 -3.13
C13 RET D . 18.01 -0.10 -2.31
C14 RET D . 17.64 -0.28 -1.02
C15 RET D . 17.72 0.54 0.15
C16 RET D . 14.53 -6.76 -6.59
C17 RET D . 16.91 -7.49 -6.51
C18 RET D . 16.28 -5.27 -11.03
C19 RET D . 17.89 -1.83 -7.45
C20 RET D . 18.73 1.11 -2.87
C1 22B E . 14.29 18.50 9.66
C2 22B E . 12.93 18.96 10.37
C3 22B E . 12.08 17.71 10.98
C4 22B E . 12.34 16.73 11.90
C5 22B E . 12.14 15.27 11.77
C6 22B E . 12.49 14.56 12.87
C7 22B E . 12.40 13.11 13.05
C8 22B E . 12.76 12.43 14.16
C9 22B E . 12.61 10.95 14.24
C10 22B E . 13.66 10.28 14.78
C11 22B E . 13.74 8.81 14.97
C12 22B E . 14.79 8.29 15.59
C13 22B E . 15.05 6.86 15.88
C14 22B E . 16.21 6.70 16.52
C15 22B E . 16.95 5.54 17.03
C16 22B E . 14.13 17.49 8.44
C17 22B E . 15.09 19.73 9.10
C18 22B E . 11.57 14.60 10.48
C19 22B E . 11.29 10.23 13.73
C20 22B E . 14.09 5.69 15.49
C21 22B E . 11.93 19.66 9.35
C22 22B E . 10.56 20.17 10.03
C23 22B E . 9.24 20.47 9.21
C24 22B E . 9.26 20.27 7.67
C25 22B E . 8.07 19.63 9.79
O26 22B E . 15.17 17.89 10.59
O27 22B E . 8.92 21.96 9.46
C11 L3P F . 5.25 14.22 -7.55
C12 L3P F . 5.10 12.67 -7.12
C13 L3P F . 3.70 12.15 -6.52
C14 L3P F . 3.29 13.00 -5.22
C15 L3P F . 3.81 10.52 -6.18
C16 L3P F . 4.21 9.68 -7.49
C17 L3P F . 3.64 8.23 -7.77
C18 L3P F . 2.59 7.45 -6.76
C19 L3P F . 3.28 6.68 -5.52
C20 L3P F . 1.77 6.41 -7.68
C21 L3P F . 1.13 5.05 -7.17
C22 L3P F . 1.98 3.80 -7.70
C23 L3P F . 1.42 2.37 -7.28
C24 L3P F . 1.34 2.26 -5.74
C25 L3P F . 2.38 1.16 -7.88
C26 L3P F . 2.01 0.09 -9.04
C27 L3P F . 3.17 -1.00 -9.42
C28 L3P F . 2.52 -2.44 -9.71
C29 L3P F . 3.12 -3.03 -10.94
C30 L3P F . 2.80 -3.41 -8.63
C11 L3P G . 5.95 -20.35 4.87
C12 L3P G . 5.45 -18.88 4.46
C13 L3P G . 3.92 -18.68 3.96
C14 L3P G . 3.65 -19.61 2.67
C15 L3P G . 3.68 -17.07 3.61
C16 L3P G . 3.94 -16.12 4.89
C17 L3P G . 4.21 -14.58 4.69
C18 L3P G . 4.23 -13.88 3.20
C19 L3P G . 5.59 -14.04 2.36
C20 L3P G . 3.90 -12.33 3.35
C21 L3P G . 3.27 -11.53 2.14
C22 L3P G . 3.29 -9.94 2.32
C23 L3P G . 2.65 -9.22 1.05
C24 L3P G . 3.44 -9.61 -0.21
C25 L3P G . 2.62 -7.57 1.15
C26 L3P G . 1.74 -6.61 0.17
C27 L3P G . 1.83 -5.00 0.36
C28 L3P G . 2.23 -4.32 -1.04
C29 L3P G . 1.03 -3.70 -1.67
C30 L3P G . 3.21 -3.25 -0.88
C11 L3P H . 3.10 -16.81 10.58
C12 L3P H . 3.22 -15.25 10.96
C13 L3P H . 4.10 -14.28 10.02
C14 L3P H . 5.60 -14.83 9.89
C15 L3P H . 4.06 -12.73 10.64
C16 L3P H . 2.55 -12.16 10.74
C17 L3P H . 1.91 -11.27 9.61
C18 L3P H . 2.65 -10.79 8.20
C19 L3P H . 3.40 -11.91 7.33
C20 L3P H . 3.68 -9.62 8.53
C21 L3P H . 3.40 -8.13 8.10
C22 L3P H . 4.58 -7.14 8.53
C23 L3P H . 4.33 -5.62 8.10
C24 L3P H . 4.15 -5.53 6.58
C25 L3P H . 5.58 -4.63 8.59
C26 L3P H . 7.03 -4.45 7.89
C27 L3P H . 8.05 -3.38 8.57
C28 L3P H . 7.56 -1.89 8.28
C29 L3P H . 7.48 -1.12 9.56
C30 L3P H . 8.51 -1.14 7.42
N1 AZI I . 16.13 -1.01 4.16
N2 AZI I . 15.18 -0.77 3.60
N3 AZI I . 14.24 -0.53 3.03
C1 RET J . -16.26 -5.61 -7.34
C2 RET J . -17.08 -6.30 -6.17
C3 RET J . -18.06 -5.53 -5.42
C4 RET J . -18.85 -4.48 -6.17
C5 RET J . -18.11 -3.76 -7.31
C6 RET J . -16.92 -4.24 -7.89
C7 RET J . -16.33 -3.38 -9.05
C8 RET J . -15.21 -3.58 -9.76
C9 RET J . -14.71 -2.81 -10.91
C10 RET J . -13.54 -3.26 -11.44
C11 RET J . -12.82 -2.74 -12.60
C12 RET J . -11.70 -3.33 -12.99
C13 RET J . -10.84 -2.94 -14.13
C14 RET J . -9.72 -3.69 -14.24
C15 RET J . -8.55 -3.54 -15.09
C16 RET J . -14.88 -5.37 -6.69
C17 RET J . -16.10 -6.72 -8.38
C18 RET J . -18.84 -2.47 -7.74
C19 RET J . -15.50 -1.65 -11.49
C20 RET J . -11.16 -1.75 -15.03
C11 L3P K . 0.15 -21.01 0.65
C12 L3P K . 0.26 -19.41 0.41
C13 L3P K . 0.94 -18.88 -0.95
C14 L3P K . 2.43 -19.46 -1.09
C15 L3P K . 0.93 -17.21 -0.95
C16 L3P K . -0.55 -16.62 -0.81
C17 L3P K . -0.80 -15.24 -0.10
C18 L3P K . 0.41 -14.33 0.55
C19 L3P K . 0.30 -14.05 2.12
C20 L3P K . 0.47 -12.95 -0.24
C21 L3P K . 1.27 -12.79 -1.59
C22 L3P K . 0.86 -11.46 -2.35
C23 L3P K . 1.64 -11.23 -3.73
C24 L3P K . 3.16 -11.20 -3.49
C25 L3P K . 1.17 -9.83 -4.49
C26 L3P K . 1.65 -9.33 -5.96
C27 L3P K . 1.04 -7.91 -6.50
C28 L3P K . 1.26 -7.72 -8.09
C29 L3P K . 2.72 -7.69 -8.43
C30 L3P K . 0.69 -8.82 -8.89
C11 L3P L . -6.63 -21.09 2.41
C12 L3P L . -6.19 -19.55 2.58
C13 L3P L . -6.29 -18.86 4.03
C14 L3P L . -7.80 -18.96 4.58
C15 L3P L . -5.78 -17.28 3.93
C16 L3P L . -4.25 -17.18 3.40
C17 L3P L . -3.83 -16.04 2.39
C18 L3P L . -4.89 -14.90 1.84
C19 L3P L . -5.87 -15.37 0.67
C20 L3P L . -4.06 -13.64 1.37
C21 L3P L . -4.75 -12.23 1.12
C22 L3P L . -3.73 -11.02 1.29
C23 L3P L . -4.43 -9.60 1.06
C24 L3P L . -5.03 -9.55 -0.35
C25 L3P L . -3.38 -8.33 1.25
C26 L3P L . -3.80 -6.84 1.74
C27 L3P L . -2.63 -5.71 1.86
C28 L3P L . -3.22 -4.31 1.36
C29 L3P L . -3.06 -3.29 2.43
C30 L3P L . -2.49 -3.78 0.19
C11 L3P M . -9.56 3.00 1.42
C12 L3P M . -8.59 3.91 0.50
C13 L3P M . -7.86 5.18 1.18
C14 L3P M . -8.95 6.19 1.78
C15 L3P M . -6.92 5.95 0.02
C16 L3P M . -5.81 4.94 -0.59
C17 L3P M . -4.30 5.39 -0.82
C18 L3P M . -3.67 6.89 -0.46
C19 L3P M . -3.81 7.40 1.07
C20 L3P M . -4.33 7.96 -1.43
C21 L3P M . -3.76 8.24 -2.89
C22 L3P M . -4.31 9.63 -3.45
C23 L3P M . -3.78 9.99 -4.91
C24 L3P M . -2.24 10.06 -4.91
C25 L3P M . -4.41 11.43 -5.45
C26 L3P M . -4.37 12.02 -6.96
C27 L3P M . -5.06 13.47 -7.19
C28 L3P M . -3.95 14.60 -7.45
C29 L3P M . -4.21 15.27 -8.76
C30 L3P M . -3.97 15.65 -6.44
C1 22B N . 7.03 7.44 -23.12
C2 22B N . 8.44 7.68 -22.37
C3 22B N . 8.84 6.47 -21.36
C4 22B N . 9.05 5.12 -21.50
C5 22B N . 8.70 4.03 -20.58
C6 22B N . 9.05 2.80 -21.01
C7 22B N . 8.85 1.54 -20.32
C8 22B N . 9.21 0.32 -20.78
C9 22B N . 8.95 -0.91 -19.97
C10 22B N . 8.72 -2.05 -20.69
C11 22B N . 8.43 -3.37 -20.11
C12 22B N . 8.04 -4.38 -20.88
C13 22B N . 7.69 -5.74 -20.39
C14 22B N . 7.33 -6.55 -21.39
C15 22B N . 6.88 -7.96 -21.44
C16 22B N . 5.76 7.27 -22.21
C17 22B N . 6.71 8.64 -24.09
C18 22B N . 7.98 4.28 -19.21
C19 22B N . 8.94 -0.88 -18.39
C20 22B N . 7.74 -6.18 -18.89
C21 22B N . 8.42 8.97 -21.43
C22 22B N . 9.82 9.23 -20.71
C23 22B N . 10.02 10.26 -19.51
C24 22B N . 8.79 11.05 -19.00
C25 22B N . 10.67 9.53 -18.31
O26 22B N . 7.10 6.30 -23.96
O27 22B N . 11.03 11.30 -20.02
N1 AZI O . -4.97 -5.10 -12.63
N2 AZI O . -5.02 -5.86 -13.45
N3 AZI O . -5.06 -6.63 -14.28
C1 RET P . 0.13 2.83 18.62
C2 RET P . 1.20 1.85 19.24
C3 RET P . 2.61 2.26 19.26
C4 RET P . 2.85 3.70 19.66
C5 RET P . 1.84 4.73 19.14
C6 RET P . 0.55 4.39 18.64
C7 RET P . -0.32 5.55 18.13
C8 RET P . -1.54 5.53 17.55
C9 RET P . -2.40 6.66 17.20
C10 RET P . -3.58 6.33 16.58
C11 RET P . -4.64 7.20 16.12
C12 RET P . -5.73 6.66 15.55
C13 RET P . -6.90 7.38 15.00
C14 RET P . -7.83 6.58 14.41
C15 RET P . -9.02 6.91 13.65
C16 RET P . -0.03 2.29 17.18
C17 RET P . -1.16 2.53 19.41
C18 RET P . 2.41 6.15 19.21
C19 RET P . -2.02 8.09 17.53
C20 RET P . -6.98 8.89 15.02
C11 L3P Q . -0.12 18.97 -0.79
C12 L3P Q . 0.27 17.40 -0.67
C13 L3P Q . 1.76 16.94 -1.05
C14 L3P Q . 2.11 17.37 -2.56
C15 L3P Q . 1.89 15.28 -0.84
C16 L3P Q . 1.55 14.84 0.66
C17 L3P Q . 1.23 13.34 1.01
C18 L3P Q . 1.21 12.15 -0.13
C19 L3P Q . -0.23 11.81 -0.75
C20 L3P Q . 1.82 10.83 0.53
C21 L3P Q . 2.55 9.71 -0.31
C22 L3P Q . 3.50 8.83 0.61
C23 L3P Q . 4.28 7.67 -0.15
C24 L3P Q . 3.29 6.72 -0.85
C25 L3P Q . 5.26 6.81 0.89
C26 L3P Q . 4.82 6.09 2.27
C27 L3P Q . 6.00 5.31 3.09
C28 L3P Q . 5.95 5.69 4.65
C29 L3P Q . 6.09 4.45 5.47
C30 L3P Q . 7.04 6.57 5.04
C11 L3P R . -7.18 -17.75 9.21
C12 L3P R . -7.04 -16.37 8.39
C13 L3P R . -8.37 -15.57 7.96
C14 L3P R . -9.32 -16.51 7.07
C15 L3P R . -7.94 -14.18 7.14
C16 L3P R . -7.01 -13.23 8.04
C17 L3P R . -6.13 -12.11 7.37
C18 L3P R . -6.09 -11.84 5.75
C19 L3P R . -4.81 -12.44 4.98
C20 L3P R . -6.16 -10.28 5.50
C21 L3P R . -7.32 -9.62 4.63
C22 L3P R . -7.30 -8.03 4.79
C23 L3P R . -8.44 -7.28 3.94
C24 L3P R . -8.27 -7.61 2.44
C25 L3P R . -8.38 -5.64 4.15
C26 L3P R . -9.57 -4.67 4.67
C27 L3P R . -9.24 -3.08 4.78
C28 L3P R . -10.59 -2.21 4.84
C29 L3P R . -10.28 -0.83 5.31
C30 L3P R . -11.20 -2.04 3.51
C11 L3P S . -3.14 -18.15 12.80
C12 L3P S . -3.06 -16.77 11.98
C13 L3P S . -1.67 -16.35 11.28
C14 L3P S . -0.51 -16.25 12.39
C15 L3P S . -1.88 -14.89 10.49
C16 L3P S . -3.02 -14.99 9.36
C17 L3P S . -2.93 -14.20 7.99
C18 L3P S . -1.68 -13.22 7.52
C19 L3P S . -0.19 -13.82 7.61
C20 L3P S . -1.76 -11.86 8.37
C21 L3P S . -2.42 -10.54 7.79
C22 L3P S . -1.33 -9.39 7.57
C23 L3P S . -1.92 -8.03 6.99
C24 L3P S . -2.61 -8.29 5.63
C25 L3P S . -0.74 -6.87 6.81
C26 L3P S . -0.88 -5.43 6.08
C27 L3P S . 0.46 -4.49 6.04
C28 L3P S . 0.44 -3.53 4.75
C29 L3P S . 0.12 -2.13 5.15
C30 L3P S . 1.74 -3.47 4.08
N1 AZI T . -9.33 3.38 10.81
N2 AZI T . -10.37 3.30 11.23
N3 AZI T . -11.40 3.22 11.66
#